data_2V61
#
_entry.id   2V61
#
_cell.length_a   131.998
_cell.length_b   222.539
_cell.length_c   86.202
_cell.angle_alpha   90.00
_cell.angle_beta   90.00
_cell.angle_gamma   90.00
#
_symmetry.space_group_name_H-M   'C 2 2 2'
#
loop_
_entity.id
_entity.type
_entity.pdbx_description
1 polymer 'AMINE OXIDASE (FLAVIN-CONTAINING) B'
2 non-polymer 'FLAVIN-ADENINE DINUCLEOTIDE'
3 non-polymer 7-[(3-CHLOROBENZYL)OXY]-4-[(METHYLAMINO)METHYL]-2H-CHROMEN-2-ONE
4 water water
#
_entity_poly.entity_id   1
_entity_poly.type   'polypeptide(L)'
_entity_poly.pdbx_seq_one_letter_code
;MSNKCDVVVVGGGISGMAAAKLLHDSGLNVVVLEARDRVGGRTYTLRNQKVKYVDLGGSYVGPTQNRILRLAKELGLETY
KVNEVERLIHHVKGKSYPFRGPFPPVWNPITYLDHNNFWRTMDDMGREIPSDAPWKAPLAEEWDNMTMKELLDKLCWTES
AKQLATLFVNLCVTAETHEVSALWFLWYVKQCGGTTRIISTTNGGQERKFVGGSGQVSERIMDLLGDRVKLERPVIYIDQ
TRENVLVETLNHEMYEAKYVISAIPPTLGMKIHFNPPLPMMRNQMITRVPLGSVIKCIVYYKEPFWRKKDYCGTMIIDGE
EAPVAYTLDDTKPEGNYAAIMGFILAHKARKLARLTKEERLKKLCELYAKVLGSLEALEPVHYEEKNWCEEQYSGGCYTT
YFPPGILTQYGRVLRQPVDRIYFAGTETATHWSGYMEGAVEAGERAAREILHAMGKIPEDEIWQSEPESVDVPAQPITTT
FLERHLPSVPGLLRLIGLTTIFSATALGFLAHKRGLLVRV
;
_entity_poly.pdbx_strand_id   A,B
#
loop_
_chem_comp.id
_chem_comp.type
_chem_comp.name
_chem_comp.formula
C18 non-polymer 7-[(3-CHLOROBENZYL)OXY]-4-[(METHYLAMINO)METHYL]-2H-CHROMEN-2-ONE 'C18 H16 Cl N O3'
FAD non-polymer 'FLAVIN-ADENINE DINUCLEOTIDE' 'C27 H33 N9 O15 P2'
#
# COMPACT_ATOMS: atom_id res chain seq x y z
N ASN A 3 -11.87 -8.49 -32.05
CA ASN A 3 -11.50 -7.06 -32.25
C ASN A 3 -12.63 -6.08 -31.85
N LYS A 4 -13.66 -5.91 -32.68
CA LYS A 4 -14.65 -4.84 -32.46
C LYS A 4 -15.88 -5.25 -31.64
N CYS A 5 -16.19 -4.45 -30.61
CA CYS A 5 -17.38 -4.66 -29.78
C CYS A 5 -17.88 -3.37 -29.14
N ASP A 6 -18.98 -3.46 -28.40
CA ASP A 6 -19.52 -2.33 -27.67
C ASP A 6 -18.76 -2.10 -26.36
N VAL A 7 -18.57 -3.16 -25.58
CA VAL A 7 -17.90 -3.04 -24.27
C VAL A 7 -16.90 -4.17 -24.07
N VAL A 8 -15.69 -3.81 -23.63
CA VAL A 8 -14.71 -4.81 -23.21
C VAL A 8 -14.76 -4.83 -21.68
N VAL A 9 -14.91 -6.03 -21.13
CA VAL A 9 -14.86 -6.23 -19.68
C VAL A 9 -13.52 -6.87 -19.38
N VAL A 10 -12.73 -6.20 -18.53
CA VAL A 10 -11.42 -6.72 -18.15
C VAL A 10 -11.61 -7.49 -16.85
N GLY A 11 -11.48 -8.80 -16.92
CA GLY A 11 -11.64 -9.67 -15.74
C GLY A 11 -12.93 -10.47 -15.79
N GLY A 12 -12.78 -11.78 -15.69
CA GLY A 12 -13.88 -12.73 -15.71
C GLY A 12 -14.13 -13.39 -14.36
N GLY A 13 -14.01 -12.62 -13.28
CA GLY A 13 -14.54 -13.06 -11.98
C GLY A 13 -16.05 -12.84 -11.97
N ILE A 14 -16.68 -13.05 -10.81
CA ILE A 14 -18.12 -12.81 -10.71
C ILE A 14 -18.54 -11.40 -11.14
N SER A 15 -17.76 -10.39 -10.76
CA SER A 15 -18.16 -9.02 -11.08
C SER A 15 -18.13 -8.76 -12.59
N GLY A 16 -17.05 -9.16 -13.26
CA GLY A 16 -16.94 -8.98 -14.71
C GLY A 16 -18.00 -9.79 -15.44
N MET A 17 -18.21 -11.03 -14.99
CA MET A 17 -19.21 -11.90 -15.61
C MET A 17 -20.63 -11.36 -15.42
N ALA A 18 -20.92 -10.82 -14.24
CA ALA A 18 -22.24 -10.21 -13.99
C ALA A 18 -22.45 -8.98 -14.87
N ALA A 19 -21.41 -8.15 -15.00
CA ALA A 19 -21.45 -6.99 -15.89
C ALA A 19 -21.70 -7.41 -17.34
N ALA A 20 -20.91 -8.39 -17.79
CA ALA A 20 -20.99 -8.86 -19.18
C ALA A 20 -22.37 -9.45 -19.46
N LYS A 21 -22.90 -10.23 -18.52
CA LYS A 21 -24.23 -10.83 -18.71
C LYS A 21 -25.31 -9.75 -18.86
N LEU A 22 -25.28 -8.74 -17.99
CA LEU A 22 -26.26 -7.66 -18.03
C LEU A 22 -26.20 -6.94 -19.38
N LEU A 23 -24.98 -6.61 -19.82
CA LEU A 23 -24.79 -5.92 -21.11
C LEU A 23 -25.26 -6.78 -22.29
N HIS A 24 -24.90 -8.07 -22.25
CA HIS A 24 -25.32 -9.04 -23.26
C HIS A 24 -26.85 -9.14 -23.33
N ASP A 25 -27.49 -9.27 -22.17
CA ASP A 25 -28.95 -9.37 -22.08
C ASP A 25 -29.64 -8.11 -22.57
N SER A 26 -28.94 -6.99 -22.46
CA SER A 26 -29.43 -5.68 -22.92
C SER A 26 -29.28 -5.51 -24.44
N GLY A 27 -28.61 -6.46 -25.09
CA GLY A 27 -28.47 -6.46 -26.54
C GLY A 27 -27.15 -5.88 -27.07
N LEU A 28 -26.22 -5.62 -26.16
CA LEU A 28 -24.91 -5.10 -26.55
C LEU A 28 -23.93 -6.24 -26.86
N ASN A 29 -22.93 -5.93 -27.66
CA ASN A 29 -21.87 -6.87 -28.01
C ASN A 29 -20.73 -6.71 -27.02
N VAL A 30 -20.53 -7.74 -26.21
CA VAL A 30 -19.49 -7.69 -25.17
C VAL A 30 -18.39 -8.70 -25.38
N VAL A 31 -17.19 -8.38 -24.87
CA VAL A 31 -16.11 -9.33 -24.82
C VAL A 31 -15.57 -9.29 -23.40
N VAL A 32 -15.25 -10.46 -22.86
CA VAL A 32 -14.61 -10.57 -21.53
C VAL A 32 -13.17 -11.02 -21.75
N LEU A 33 -12.22 -10.20 -21.30
CA LEU A 33 -10.82 -10.56 -21.42
C LEU A 33 -10.33 -11.02 -20.06
N GLU A 34 -10.00 -12.31 -19.94
CA GLU A 34 -9.63 -12.91 -18.67
C GLU A 34 -8.19 -13.40 -18.72
N ALA A 35 -7.40 -12.98 -17.73
CA ALA A 35 -5.97 -13.31 -17.66
C ALA A 35 -5.67 -14.80 -17.54
N ARG A 36 -6.49 -15.50 -16.75
CA ARG A 36 -6.24 -16.91 -16.44
C ARG A 36 -6.82 -17.86 -17.49
N ASP A 37 -6.46 -19.13 -17.37
CA ASP A 37 -7.08 -20.19 -18.18
C ASP A 37 -8.46 -20.65 -17.66
N ARG A 38 -9.06 -19.86 -16.78
CA ARG A 38 -10.36 -20.19 -16.18
C ARG A 38 -11.05 -18.89 -15.82
N VAL A 39 -12.38 -18.92 -15.71
CA VAL A 39 -13.13 -17.82 -15.09
C VAL A 39 -13.31 -18.09 -13.58
N GLY A 40 -13.73 -17.06 -12.85
CA GLY A 40 -14.10 -17.22 -11.43
C GLY A 40 -13.23 -16.39 -10.48
N GLY A 41 -11.98 -16.14 -10.88
CA GLY A 41 -11.06 -15.29 -10.10
C GLY A 41 -10.81 -15.75 -8.67
N ARG A 42 -11.28 -14.94 -7.73
CA ARG A 42 -11.12 -15.24 -6.30
C ARG A 42 -12.11 -16.33 -5.82
N THR A 43 -12.98 -16.79 -6.73
CA THR A 43 -13.71 -18.06 -6.57
C THR A 43 -13.05 -19.13 -7.43
N TYR A 44 -12.97 -20.35 -6.88
CA TYR A 44 -12.34 -21.45 -7.58
C TYR A 44 -12.82 -22.72 -6.95
N THR A 45 -13.56 -23.49 -7.74
CA THR A 45 -14.07 -24.77 -7.29
C THR A 45 -13.22 -25.87 -7.91
N LEU A 46 -12.46 -26.56 -7.07
CA LEU A 46 -11.65 -27.69 -7.49
C LEU A 46 -12.54 -28.94 -7.56
N ARG A 47 -12.43 -29.70 -8.65
CA ARG A 47 -13.11 -30.99 -8.75
C ARG A 47 -12.13 -32.15 -8.92
N ASN A 48 -12.26 -33.15 -8.06
CA ASN A 48 -11.55 -34.42 -8.20
C ASN A 48 -12.31 -35.53 -7.46
N GLN A 49 -11.87 -36.76 -7.61
CA GLN A 49 -12.61 -37.91 -7.09
C GLN A 49 -12.62 -37.94 -5.56
N LYS A 50 -11.55 -37.41 -4.97
CA LYS A 50 -11.39 -37.46 -3.50
C LYS A 50 -12.29 -36.49 -2.77
N VAL A 51 -12.60 -35.36 -3.39
CA VAL A 51 -13.42 -34.32 -2.73
C VAL A 51 -14.79 -34.09 -3.38
N LYS A 52 -14.97 -34.66 -4.58
CA LYS A 52 -16.07 -34.37 -5.50
C LYS A 52 -15.94 -32.92 -6.01
N TYR A 53 -16.23 -31.95 -5.14
CA TYR A 53 -15.97 -30.54 -5.46
C TYR A 53 -15.59 -29.85 -4.17
N VAL A 54 -14.77 -28.80 -4.26
CA VAL A 54 -14.48 -27.99 -3.06
C VAL A 54 -14.14 -26.55 -3.45
N ASP A 55 -14.77 -25.60 -2.78
CA ASP A 55 -14.44 -24.18 -2.95
C ASP A 55 -13.13 -23.89 -2.23
N LEU A 56 -12.10 -23.52 -3.01
CA LEU A 56 -10.82 -23.12 -2.44
C LEU A 56 -10.70 -21.60 -2.32
N GLY A 57 -11.64 -20.88 -2.96
CA GLY A 57 -11.78 -19.43 -2.78
C GLY A 57 -13.11 -19.09 -2.13
N GLY A 58 -13.73 -18.01 -2.57
CA GLY A 58 -15.00 -17.58 -1.96
C GLY A 58 -16.03 -18.68 -2.02
N SER A 59 -16.82 -18.84 -0.96
CA SER A 59 -17.75 -19.98 -0.84
C SER A 59 -19.10 -19.62 -0.25
N TYR A 60 -19.09 -18.88 0.85
CA TYR A 60 -20.30 -18.65 1.65
C TYR A 60 -21.17 -17.53 1.12
N VAL A 61 -22.47 -17.75 1.21
CA VAL A 61 -23.47 -16.71 0.98
C VAL A 61 -24.48 -16.78 2.11
N GLY A 62 -25.25 -15.71 2.30
CA GLY A 62 -26.21 -15.71 3.39
C GLY A 62 -27.27 -14.64 3.25
N PRO A 63 -28.18 -14.58 4.23
CA PRO A 63 -29.26 -13.60 4.22
C PRO A 63 -28.75 -12.18 4.05
N THR A 64 -29.52 -11.41 3.27
CA THR A 64 -29.22 -10.01 2.82
C THR A 64 -28.30 -9.94 1.61
N GLN A 65 -27.73 -11.07 1.20
CA GLN A 65 -26.93 -11.08 -0.02
C GLN A 65 -27.81 -11.44 -1.22
N ASN A 66 -28.77 -10.57 -1.53
CA ASN A 66 -29.83 -10.95 -2.45
C ASN A 66 -29.43 -10.97 -3.90
N ARG A 67 -28.41 -10.19 -4.25
CA ARG A 67 -27.96 -10.14 -5.66
C ARG A 67 -27.28 -11.44 -6.08
N ILE A 68 -26.32 -11.91 -5.28
CA ILE A 68 -25.64 -13.17 -5.65
C ILE A 68 -26.64 -14.35 -5.60
N LEU A 69 -27.58 -14.30 -4.67
CA LEU A 69 -28.59 -15.36 -4.56
C LEU A 69 -29.47 -15.39 -5.82
N ARG A 70 -29.87 -14.21 -6.29
CA ARG A 70 -30.74 -14.09 -7.46
C ARG A 70 -30.01 -14.54 -8.74
N LEU A 71 -28.78 -14.08 -8.90
CA LEU A 71 -27.95 -14.46 -10.05
C LEU A 71 -27.75 -15.98 -10.07
N ALA A 72 -27.37 -16.54 -8.93
CA ALA A 72 -27.13 -17.96 -8.84
C ALA A 72 -28.39 -18.78 -9.13
N LYS A 73 -29.53 -18.33 -8.62
CA LYS A 73 -30.80 -19.02 -8.82
C LYS A 73 -31.18 -19.02 -10.32
N GLU A 74 -31.02 -17.87 -10.94
CA GLU A 74 -31.33 -17.73 -12.36
C GLU A 74 -30.47 -18.67 -13.21
N LEU A 75 -29.23 -18.91 -12.75
CA LEU A 75 -28.29 -19.81 -13.42
C LEU A 75 -28.55 -21.28 -13.15
N GLY A 76 -29.53 -21.57 -12.29
CA GLY A 76 -29.92 -22.96 -11.98
C GLY A 76 -29.23 -23.56 -10.77
N LEU A 77 -28.62 -22.71 -9.94
CA LEU A 77 -27.88 -23.21 -8.79
C LEU A 77 -28.75 -23.26 -7.54
N GLU A 78 -28.35 -24.11 -6.58
CA GLU A 78 -29.06 -24.24 -5.30
C GLU A 78 -28.05 -24.03 -4.18
N THR A 79 -28.57 -23.66 -3.02
CA THR A 79 -27.75 -23.55 -1.80
C THR A 79 -28.07 -24.66 -0.81
N TYR A 80 -27.16 -24.87 0.13
CA TYR A 80 -27.46 -25.69 1.29
C TYR A 80 -26.87 -24.99 2.51
N LYS A 81 -27.36 -25.35 3.70
CA LYS A 81 -26.93 -24.69 4.92
C LYS A 81 -25.67 -25.34 5.51
N VAL A 82 -24.70 -24.50 5.86
CA VAL A 82 -23.49 -24.92 6.57
C VAL A 82 -23.92 -25.52 7.91
N ASN A 83 -23.25 -26.61 8.33
CA ASN A 83 -23.64 -27.25 9.59
C ASN A 83 -23.42 -26.40 10.83
N GLU A 84 -24.51 -26.06 11.53
CA GLU A 84 -24.40 -25.40 12.83
C GLU A 84 -25.41 -25.99 13.82
N VAL A 85 -25.67 -27.29 13.67
CA VAL A 85 -26.65 -27.96 14.53
C VAL A 85 -26.12 -28.11 15.96
N GLU A 86 -24.87 -28.55 16.06
CA GLU A 86 -24.26 -28.84 17.37
C GLU A 86 -23.49 -27.60 17.90
N ARG A 87 -22.70 -27.78 18.96
CA ARG A 87 -22.12 -26.63 19.65
C ARG A 87 -20.90 -26.08 18.92
N LEU A 88 -20.72 -24.76 19.05
CA LEU A 88 -19.52 -24.09 18.54
C LEU A 88 -18.45 -24.24 19.61
N ILE A 89 -17.19 -24.00 19.26
CA ILE A 89 -16.11 -24.03 20.26
C ILE A 89 -15.32 -22.74 20.23
N HIS A 90 -15.10 -22.16 21.41
CA HIS A 90 -14.11 -21.07 21.55
C HIS A 90 -12.93 -21.67 22.32
N HIS A 91 -11.75 -21.63 21.70
CA HIS A 91 -10.53 -22.18 22.32
C HIS A 91 -9.64 -21.02 22.68
N VAL A 92 -9.40 -20.85 23.98
CA VAL A 92 -8.63 -19.70 24.46
C VAL A 92 -7.74 -20.18 25.60
N LYS A 93 -6.51 -19.69 25.61
CA LYS A 93 -5.49 -20.10 26.60
C LYS A 93 -5.38 -21.62 26.73
N GLY A 94 -5.44 -22.31 25.59
CA GLY A 94 -5.17 -23.73 25.53
C GLY A 94 -6.31 -24.65 25.96
N LYS A 95 -7.50 -24.10 26.19
CA LYS A 95 -8.67 -24.87 26.59
C LYS A 95 -9.87 -24.55 25.71
N SER A 96 -10.74 -25.54 25.50
CA SER A 96 -11.94 -25.36 24.66
C SER A 96 -13.19 -25.16 25.50
N TYR A 97 -14.03 -24.22 25.07
CA TYR A 97 -15.27 -23.86 25.74
C TYR A 97 -16.42 -23.91 24.75
N PRO A 98 -17.23 -24.97 24.79
CA PRO A 98 -18.36 -25.10 23.87
C PRO A 98 -19.44 -24.08 24.16
N PHE A 99 -20.17 -23.68 23.13
CA PHE A 99 -21.24 -22.70 23.30
C PHE A 99 -22.21 -22.73 22.13
N ARG A 100 -23.30 -21.98 22.29
CA ARG A 100 -24.33 -21.79 21.27
C ARG A 100 -24.60 -20.29 21.12
N GLY A 101 -25.10 -19.90 19.95
CA GLY A 101 -25.35 -18.49 19.63
C GLY A 101 -24.13 -17.99 18.89
N PRO A 102 -24.23 -16.80 18.24
CA PRO A 102 -23.10 -16.37 17.43
C PRO A 102 -21.83 -15.95 18.19
N PHE A 103 -21.98 -15.41 19.41
CA PHE A 103 -20.84 -14.91 20.21
C PHE A 103 -20.48 -15.87 21.37
N PRO A 104 -19.18 -16.12 21.61
CA PRO A 104 -18.82 -16.91 22.80
C PRO A 104 -19.31 -16.23 24.09
N PRO A 105 -19.91 -17.00 25.02
CA PRO A 105 -20.34 -16.41 26.29
C PRO A 105 -19.16 -15.92 27.15
N VAL A 106 -19.40 -14.83 27.88
CA VAL A 106 -18.41 -14.25 28.77
C VAL A 106 -19.06 -14.19 30.15
N TRP A 107 -18.43 -14.82 31.13
CA TRP A 107 -19.02 -14.91 32.48
C TRP A 107 -18.57 -13.84 33.46
N ASN A 108 -17.28 -13.51 33.45
CA ASN A 108 -16.77 -12.45 34.31
C ASN A 108 -17.52 -11.14 34.06
N PRO A 109 -18.18 -10.59 35.09
CA PRO A 109 -18.99 -9.37 34.95
C PRO A 109 -18.26 -8.19 34.29
N ILE A 110 -17.02 -7.93 34.70
CA ILE A 110 -16.25 -6.81 34.13
C ILE A 110 -15.94 -7.07 32.66
N THR A 111 -15.48 -8.29 32.40
CA THR A 111 -15.14 -8.72 31.05
C THR A 111 -16.40 -8.72 30.17
N TYR A 112 -17.53 -9.12 30.76
CA TYR A 112 -18.80 -9.07 30.04
C TYR A 112 -19.14 -7.64 29.56
N LEU A 113 -19.01 -6.66 30.46
CA LEU A 113 -19.25 -5.27 30.11
C LEU A 113 -18.33 -4.84 28.97
N ASP A 114 -17.08 -5.26 29.06
CA ASP A 114 -16.08 -4.87 28.07
C ASP A 114 -16.40 -5.47 26.69
N HIS A 115 -16.69 -6.77 26.65
CA HIS A 115 -17.08 -7.43 25.39
C HIS A 115 -18.35 -6.81 24.81
N ASN A 116 -19.36 -6.64 25.65
CA ASN A 116 -20.62 -6.08 25.18
C ASN A 116 -20.38 -4.70 24.57
N ASN A 117 -19.56 -3.89 25.26
CA ASN A 117 -19.28 -2.54 24.80
C ASN A 117 -18.46 -2.56 23.52
N PHE A 118 -17.55 -3.52 23.39
CA PHE A 118 -16.73 -3.60 22.18
C PHE A 118 -17.60 -3.76 20.94
N TRP A 119 -18.42 -4.81 20.90
CA TRP A 119 -19.26 -5.04 19.73
C TRP A 119 -20.23 -3.87 19.48
N ARG A 120 -20.86 -3.39 20.56
CA ARG A 120 -21.83 -2.30 20.48
C ARG A 120 -21.17 -1.06 19.87
N THR A 121 -19.95 -0.78 20.32
CA THR A 121 -19.21 0.40 19.87
C THR A 121 -18.82 0.28 18.39
N MET A 122 -18.43 -0.90 17.96
CA MET A 122 -18.13 -1.12 16.53
C MET A 122 -19.34 -0.69 15.69
N ASP A 123 -20.51 -1.12 16.12
CA ASP A 123 -21.73 -0.85 15.38
C ASP A 123 -22.17 0.61 15.54
N ASP A 124 -22.00 1.16 16.74
CA ASP A 124 -22.28 2.59 17.00
C ASP A 124 -21.47 3.49 16.05
N MET A 125 -20.16 3.24 16.00
CA MET A 125 -19.29 4.00 15.12
C MET A 125 -19.68 3.79 13.67
N GLY A 126 -20.00 2.55 13.30
CA GLY A 126 -20.45 2.22 11.94
C GLY A 126 -21.63 3.06 11.47
N ARG A 127 -22.57 3.35 12.37
CA ARG A 127 -23.76 4.12 12.00
C ARG A 127 -23.46 5.55 11.59
N GLU A 128 -22.28 6.03 11.97
CA GLU A 128 -21.81 7.35 11.55
C GLU A 128 -21.23 7.38 10.13
N ILE A 129 -21.05 6.21 9.54
CA ILE A 129 -20.29 6.07 8.30
C ILE A 129 -21.20 5.75 7.12
N PRO A 130 -21.35 6.69 6.16
CA PRO A 130 -22.19 6.37 5.00
C PRO A 130 -21.58 5.24 4.17
N SER A 131 -22.40 4.23 3.82
CA SER A 131 -21.93 3.11 3.01
C SER A 131 -21.33 3.53 1.68
N ASP A 132 -21.92 4.54 1.04
CA ASP A 132 -21.48 4.96 -0.28
C ASP A 132 -20.43 6.07 -0.25
N ALA A 133 -20.05 6.52 0.94
CA ALA A 133 -19.09 7.62 1.09
C ALA A 133 -18.50 7.64 2.50
N PRO A 134 -17.70 6.61 2.86
CA PRO A 134 -17.18 6.57 4.24
C PRO A 134 -16.37 7.79 4.66
N TRP A 135 -15.71 8.43 3.70
CA TRP A 135 -14.92 9.64 3.95
C TRP A 135 -15.79 10.83 4.40
N LYS A 136 -17.11 10.68 4.31
CA LYS A 136 -18.05 11.71 4.77
C LYS A 136 -18.45 11.56 6.24
N ALA A 137 -17.96 10.51 6.90
CA ALA A 137 -18.23 10.36 8.34
C ALA A 137 -17.75 11.63 9.09
N PRO A 138 -18.51 12.07 10.12
CA PRO A 138 -18.11 13.29 10.83
C PRO A 138 -16.68 13.29 11.33
N LEU A 139 -16.20 12.13 11.79
CA LEU A 139 -14.84 12.03 12.32
C LEU A 139 -13.99 11.17 11.39
N ALA A 140 -14.27 11.24 10.10
CA ALA A 140 -13.56 10.41 9.11
C ALA A 140 -12.04 10.52 9.25
N GLU A 141 -11.54 11.74 9.36
CA GLU A 141 -10.10 11.94 9.39
C GLU A 141 -9.47 11.36 10.65
N GLU A 142 -10.04 11.69 11.80
CA GLU A 142 -9.61 11.15 13.07
C GLU A 142 -9.60 9.61 13.04
N TRP A 143 -10.69 9.01 12.55
CA TRP A 143 -10.75 7.54 12.52
C TRP A 143 -9.83 6.93 11.46
N ASP A 144 -9.63 7.62 10.35
CA ASP A 144 -8.76 7.11 9.27
C ASP A 144 -7.27 7.20 9.61
N ASN A 145 -6.94 8.08 10.55
CA ASN A 145 -5.56 8.32 10.94
C ASN A 145 -5.07 7.42 12.07
N MET A 146 -5.93 6.47 12.46
CA MET A 146 -5.68 5.50 13.51
C MET A 146 -5.76 4.11 12.87
N THR A 147 -4.91 3.18 13.32
CA THR A 147 -5.08 1.77 12.94
C THR A 147 -6.15 1.13 13.81
N MET A 148 -6.65 -0.03 13.40
CA MET A 148 -7.52 -0.82 14.28
C MET A 148 -6.82 -1.21 15.58
N LYS A 149 -5.50 -1.39 15.52
CA LYS A 149 -4.75 -1.70 16.76
C LYS A 149 -4.91 -0.57 17.77
N GLU A 150 -4.70 0.67 17.31
CA GLU A 150 -4.86 1.82 18.21
C GLU A 150 -6.27 1.90 18.77
N LEU A 151 -7.27 1.65 17.92
CA LEU A 151 -8.67 1.71 18.36
C LEU A 151 -8.97 0.66 19.41
N LEU A 152 -8.51 -0.57 19.18
CA LEU A 152 -8.69 -1.64 20.17
C LEU A 152 -7.97 -1.35 21.47
N ASP A 153 -6.78 -0.76 21.39
CA ASP A 153 -6.03 -0.40 22.60
C ASP A 153 -6.81 0.61 23.44
N LYS A 154 -7.50 1.52 22.78
CA LYS A 154 -8.32 2.53 23.47
C LYS A 154 -9.61 1.92 24.01
N LEU A 155 -10.25 1.05 23.22
CA LEU A 155 -11.60 0.60 23.52
C LEU A 155 -11.69 -0.56 24.51
N CYS A 156 -10.71 -1.45 24.48
CA CYS A 156 -10.81 -2.71 25.21
C CYS A 156 -10.09 -2.57 26.54
N TRP A 157 -10.85 -2.63 27.63
CA TRP A 157 -10.27 -2.53 28.97
C TRP A 157 -9.85 -3.88 29.54
N THR A 158 -10.18 -4.95 28.81
CA THR A 158 -9.70 -6.29 29.16
C THR A 158 -8.89 -6.90 28.03
N GLU A 159 -7.89 -7.71 28.39
CA GLU A 159 -7.15 -8.48 27.40
C GLU A 159 -8.08 -9.47 26.66
N SER A 160 -9.06 -10.02 27.37
CA SER A 160 -10.02 -10.97 26.80
C SER A 160 -10.73 -10.36 25.57
N ALA A 161 -11.23 -9.15 25.74
CA ALA A 161 -11.95 -8.48 24.67
C ALA A 161 -10.98 -8.13 23.55
N LYS A 162 -9.80 -7.62 23.92
CA LYS A 162 -8.82 -7.23 22.91
C LYS A 162 -8.38 -8.43 22.07
N GLN A 163 -8.21 -9.59 22.69
CA GLN A 163 -7.81 -10.78 21.96
C GLN A 163 -8.90 -11.24 20.99
N LEU A 164 -10.15 -11.22 21.43
CA LEU A 164 -11.24 -11.68 20.58
C LEU A 164 -11.45 -10.69 19.43
N ALA A 165 -11.35 -9.40 19.75
CA ALA A 165 -11.49 -8.32 18.76
C ALA A 165 -10.40 -8.42 17.69
N THR A 166 -9.19 -8.77 18.13
CA THR A 166 -8.06 -8.95 17.20
C THR A 166 -8.35 -10.09 16.23
N LEU A 167 -8.80 -11.21 16.77
CA LEU A 167 -9.21 -12.33 15.94
C LEU A 167 -10.30 -11.90 14.94
N PHE A 168 -11.30 -11.17 15.43
CA PHE A 168 -12.39 -10.61 14.59
C PHE A 168 -11.82 -9.87 13.37
N VAL A 169 -10.85 -8.99 13.60
CA VAL A 169 -10.31 -8.19 12.50
C VAL A 169 -9.54 -9.10 11.55
N ASN A 170 -8.68 -9.96 12.11
CA ASN A 170 -7.87 -10.86 11.29
C ASN A 170 -8.74 -11.72 10.37
N LEU A 171 -9.84 -12.22 10.94
CA LEU A 171 -10.75 -13.12 10.21
C LEU A 171 -11.59 -12.40 9.17
N CYS A 172 -12.04 -11.19 9.49
CA CYS A 172 -12.87 -10.41 8.59
C CYS A 172 -12.12 -9.92 7.36
N VAL A 173 -10.87 -9.49 7.56
CA VAL A 173 -10.18 -8.79 6.48
C VAL A 173 -8.74 -9.31 6.23
N THR A 174 -8.43 -10.50 6.77
CA THR A 174 -7.16 -11.22 6.52
C THR A 174 -5.94 -10.29 6.61
N ALA A 175 -5.98 -9.45 7.63
CA ALA A 175 -4.92 -8.51 7.89
C ALA A 175 -4.79 -8.26 9.38
N GLU A 176 -3.65 -7.71 9.77
CA GLU A 176 -3.38 -7.43 11.18
C GLU A 176 -4.04 -6.13 11.60
N THR A 177 -4.31 -5.99 12.89
CA THR A 177 -5.00 -4.81 13.37
C THR A 177 -4.17 -3.55 13.12
N HIS A 178 -2.84 -3.68 13.22
CA HIS A 178 -1.96 -2.53 12.97
C HIS A 178 -1.77 -2.23 11.49
N GLU A 179 -2.28 -3.08 10.60
CA GLU A 179 -2.13 -2.85 9.16
C GLU A 179 -3.22 -1.95 8.58
N VAL A 180 -4.38 -1.94 9.23
CA VAL A 180 -5.58 -1.39 8.60
C VAL A 180 -6.10 -0.12 9.31
N SER A 181 -6.68 0.78 8.51
CA SER A 181 -7.36 1.95 9.01
C SER A 181 -8.58 1.57 9.84
N ALA A 182 -8.78 2.25 10.96
CA ALA A 182 -9.99 2.07 11.76
C ALA A 182 -11.23 2.52 10.97
N LEU A 183 -11.16 3.68 10.31
CA LEU A 183 -12.31 4.12 9.47
C LEU A 183 -12.70 3.06 8.47
N TRP A 184 -11.71 2.55 7.74
CA TRP A 184 -11.99 1.60 6.67
C TRP A 184 -12.60 0.34 7.29
N PHE A 185 -12.02 -0.13 8.39
CA PHE A 185 -12.54 -1.38 8.98
C PHE A 185 -13.99 -1.22 9.49
N LEU A 186 -14.24 -0.09 10.15
CA LEU A 186 -15.58 0.20 10.64
C LEU A 186 -16.57 0.31 9.48
N TRP A 187 -16.15 0.93 8.38
CA TRP A 187 -16.97 0.97 7.17
C TRP A 187 -17.27 -0.45 6.68
N TYR A 188 -16.22 -1.25 6.56
CA TYR A 188 -16.33 -2.59 5.99
C TYR A 188 -17.35 -3.44 6.76
N VAL A 189 -17.30 -3.39 8.08
CA VAL A 189 -18.25 -4.16 8.90
C VAL A 189 -19.67 -3.59 8.74
N LYS A 190 -19.79 -2.27 8.77
CA LYS A 190 -21.11 -1.64 8.70
C LYS A 190 -21.79 -1.96 7.35
N GLN A 191 -21.01 -1.99 6.27
CA GLN A 191 -21.61 -2.17 4.93
C GLN A 191 -21.94 -3.64 4.65
N CYS A 192 -21.57 -4.52 5.60
CA CYS A 192 -22.06 -5.91 5.59
C CYS A 192 -23.29 -6.10 6.48
N GLY A 193 -23.75 -5.04 7.12
CA GLY A 193 -24.92 -5.11 7.99
C GLY A 193 -24.57 -5.15 9.46
N GLY A 194 -23.28 -4.99 9.78
CA GLY A 194 -22.85 -4.95 11.18
C GLY A 194 -22.21 -6.20 11.76
N THR A 195 -21.81 -6.12 13.03
CA THR A 195 -21.01 -7.15 13.65
C THR A 195 -21.73 -8.50 13.69
N THR A 196 -22.98 -8.50 14.15
CA THR A 196 -23.73 -9.77 14.23
C THR A 196 -23.87 -10.46 12.86
N ARG A 197 -24.26 -9.70 11.85
CA ARG A 197 -24.47 -10.26 10.51
C ARG A 197 -23.16 -10.81 9.93
N ILE A 198 -22.05 -10.09 10.11
CA ILE A 198 -20.82 -10.51 9.46
C ILE A 198 -20.23 -11.78 10.10
N ILE A 199 -20.45 -11.97 11.40
CA ILE A 199 -19.81 -13.09 12.13
C ILE A 199 -20.68 -14.33 12.23
N SER A 200 -21.94 -14.20 11.84
CA SER A 200 -22.90 -15.29 12.01
C SER A 200 -22.91 -16.30 10.88
N THR A 201 -23.08 -17.56 11.27
CA THR A 201 -23.37 -18.63 10.34
C THR A 201 -24.89 -18.63 10.12
N THR A 202 -25.64 -19.26 11.04
CA THR A 202 -27.10 -19.08 11.01
C THR A 202 -27.41 -17.58 11.07
N ASN A 203 -28.21 -17.11 10.11
CA ASN A 203 -28.62 -15.70 9.95
C ASN A 203 -27.51 -14.70 9.61
N GLY A 204 -26.38 -15.20 9.10
CA GLY A 204 -25.31 -14.31 8.69
C GLY A 204 -24.59 -14.73 7.43
N GLY A 205 -23.45 -14.08 7.20
CA GLY A 205 -22.68 -14.28 5.97
C GLY A 205 -22.23 -15.70 5.70
N GLN A 206 -22.13 -16.54 6.74
CA GLN A 206 -21.63 -17.91 6.52
C GLN A 206 -22.74 -18.95 6.51
N GLU A 207 -23.99 -18.53 6.31
CA GLU A 207 -25.11 -19.45 6.44
C GLU A 207 -25.08 -20.61 5.45
N ARG A 208 -24.69 -20.32 4.21
CA ARG A 208 -24.90 -21.28 3.11
C ARG A 208 -23.72 -21.37 2.16
N LYS A 209 -23.70 -22.46 1.39
CA LYS A 209 -22.80 -22.62 0.27
C LYS A 209 -23.61 -23.07 -0.93
N PHE A 210 -23.03 -22.97 -2.12
CA PHE A 210 -23.69 -23.47 -3.33
C PHE A 210 -23.41 -24.95 -3.51
N VAL A 211 -24.48 -25.71 -3.76
CA VAL A 211 -24.32 -27.11 -4.15
C VAL A 211 -23.49 -27.15 -5.43
N GLY A 212 -22.35 -27.85 -5.38
CA GLY A 212 -21.47 -28.00 -6.53
C GLY A 212 -20.40 -26.91 -6.66
N GLY A 213 -20.46 -25.90 -5.79
CA GLY A 213 -19.39 -24.88 -5.72
C GLY A 213 -19.74 -23.55 -6.36
N SER A 214 -19.14 -22.48 -5.84
CA SER A 214 -19.42 -21.11 -6.31
C SER A 214 -18.83 -20.81 -7.68
N GLY A 215 -17.81 -21.57 -8.09
CA GLY A 215 -17.20 -21.41 -9.42
C GLY A 215 -18.20 -21.53 -10.55
N GLN A 216 -19.29 -22.29 -10.30
CA GLN A 216 -20.37 -22.44 -11.27
C GLN A 216 -21.02 -21.14 -11.68
N VAL A 217 -21.03 -20.15 -10.79
CA VAL A 217 -21.61 -18.84 -11.16
C VAL A 217 -20.89 -18.29 -12.39
N SER A 218 -19.57 -18.17 -12.31
CA SER A 218 -18.80 -17.62 -13.41
C SER A 218 -18.81 -18.56 -14.62
N GLU A 219 -18.75 -19.87 -14.34
CA GLU A 219 -18.74 -20.88 -15.41
C GLU A 219 -20.03 -20.87 -16.22
N ARG A 220 -21.17 -20.79 -15.55
CA ARG A 220 -22.46 -20.82 -16.23
C ARG A 220 -22.70 -19.55 -17.02
N ILE A 221 -22.17 -18.42 -16.53
CA ILE A 221 -22.21 -17.20 -17.33
C ILE A 221 -21.33 -17.29 -18.58
N MET A 222 -20.13 -17.88 -18.43
CA MET A 222 -19.29 -18.14 -19.59
C MET A 222 -20.04 -19.00 -20.62
N ASP A 223 -20.76 -20.01 -20.16
CA ASP A 223 -21.55 -20.87 -21.05
C ASP A 223 -22.58 -20.05 -21.84
N LEU A 224 -23.26 -19.14 -21.15
CA LEU A 224 -24.22 -18.24 -21.79
C LEU A 224 -23.62 -17.29 -22.83
N LEU A 225 -22.37 -16.86 -22.60
CA LEU A 225 -21.71 -15.87 -23.44
C LEU A 225 -20.92 -16.51 -24.61
N GLY A 226 -20.66 -17.80 -24.50
CA GLY A 226 -19.91 -18.54 -25.53
C GLY A 226 -18.53 -17.99 -25.78
N ASP A 227 -18.22 -17.75 -27.06
CA ASP A 227 -16.87 -17.35 -27.45
C ASP A 227 -16.54 -15.89 -27.12
N ARG A 228 -17.47 -15.19 -26.48
CA ARG A 228 -17.25 -13.79 -26.08
C ARG A 228 -16.28 -13.70 -24.90
N VAL A 229 -16.13 -14.79 -24.17
CA VAL A 229 -15.12 -14.88 -23.10
C VAL A 229 -13.79 -15.38 -23.65
N LYS A 230 -12.75 -14.57 -23.48
CA LYS A 230 -11.43 -14.87 -24.03
C LYS A 230 -10.48 -15.22 -22.88
N LEU A 231 -10.15 -16.50 -22.74
CA LEU A 231 -9.24 -16.94 -21.68
C LEU A 231 -7.77 -16.74 -22.04
N GLU A 232 -6.93 -16.57 -21.01
CA GLU A 232 -5.50 -16.34 -21.19
C GLU A 232 -5.24 -15.10 -22.05
N ARG A 233 -6.04 -14.07 -21.79
CA ARG A 233 -5.89 -12.75 -22.38
C ARG A 233 -5.66 -11.70 -21.29
N PRO A 234 -4.46 -11.70 -20.67
CA PRO A 234 -4.17 -10.66 -19.68
C PRO A 234 -4.08 -9.30 -20.38
N VAL A 235 -4.82 -8.32 -19.87
CA VAL A 235 -4.78 -6.98 -20.45
C VAL A 235 -3.53 -6.25 -19.98
N ILE A 236 -2.84 -5.60 -20.93
CA ILE A 236 -1.56 -4.92 -20.67
C ILE A 236 -1.60 -3.42 -20.96
N TYR A 237 -2.58 -2.98 -21.75
CA TYR A 237 -2.59 -1.63 -22.30
C TYR A 237 -3.99 -1.19 -22.66
N ILE A 238 -4.32 0.04 -22.23
CA ILE A 238 -5.59 0.66 -22.58
C ILE A 238 -5.30 2.05 -23.10
N ASP A 239 -5.81 2.33 -24.30
CA ASP A 239 -5.52 3.58 -25.00
C ASP A 239 -6.86 4.25 -25.28
N GLN A 240 -7.08 5.41 -24.67
CA GLN A 240 -8.32 6.16 -24.87
C GLN A 240 -8.11 7.46 -25.65
N THR A 241 -7.04 7.55 -26.43
CA THR A 241 -6.71 8.78 -27.14
C THR A 241 -7.52 8.96 -28.43
N ARG A 242 -8.17 7.89 -28.88
CA ARG A 242 -8.91 7.94 -30.15
C ARG A 242 -10.41 7.73 -29.96
N GLU A 243 -11.16 7.76 -31.06
CA GLU A 243 -12.62 7.69 -31.05
C GLU A 243 -13.15 6.46 -30.29
N ASN A 244 -12.59 5.30 -30.61
CA ASN A 244 -12.88 4.05 -29.90
C ASN A 244 -11.72 3.67 -28.98
N VAL A 245 -12.04 3.08 -27.83
CA VAL A 245 -11.02 2.63 -26.87
C VAL A 245 -10.30 1.39 -27.41
N LEU A 246 -8.98 1.36 -27.25
CA LEU A 246 -8.18 0.23 -27.69
C LEU A 246 -7.67 -0.52 -26.48
N VAL A 247 -7.94 -1.82 -26.41
CA VAL A 247 -7.48 -2.66 -25.31
C VAL A 247 -6.58 -3.76 -25.85
N GLU A 248 -5.33 -3.80 -25.37
CA GLU A 248 -4.37 -4.77 -25.84
C GLU A 248 -4.06 -5.83 -24.81
N THR A 249 -3.87 -7.07 -25.28
CA THR A 249 -3.56 -8.19 -24.39
C THR A 249 -2.10 -8.65 -24.50
N LEU A 250 -1.65 -9.43 -23.52
CA LEU A 250 -0.30 -9.94 -23.47
C LEU A 250 0.03 -10.86 -24.66
N ASN A 251 -0.98 -11.62 -25.09
CA ASN A 251 -0.82 -12.58 -26.20
C ASN A 251 -0.99 -11.89 -27.55
N HIS A 252 -0.86 -10.56 -27.53
CA HIS A 252 -0.72 -9.69 -28.71
C HIS A 252 -2.02 -9.26 -29.47
N GLU A 253 -3.18 -9.58 -28.91
CA GLU A 253 -4.44 -9.25 -29.55
C GLU A 253 -4.88 -7.82 -29.22
N MET A 254 -5.62 -7.21 -30.14
CA MET A 254 -6.18 -5.87 -29.97
C MET A 254 -7.69 -5.90 -30.03
N TYR A 255 -8.31 -5.28 -29.03
CA TYR A 255 -9.76 -5.16 -28.95
C TYR A 255 -10.18 -3.70 -29.02
N GLU A 256 -11.24 -3.42 -29.76
CA GLU A 256 -11.72 -2.06 -29.92
C GLU A 256 -13.14 -1.95 -29.38
N ALA A 257 -13.40 -0.94 -28.55
CA ALA A 257 -14.68 -0.82 -27.88
C ALA A 257 -15.13 0.61 -27.65
N LYS A 258 -16.42 0.79 -27.43
CA LYS A 258 -16.98 2.08 -27.05
C LYS A 258 -16.59 2.43 -25.60
N TYR A 259 -16.66 1.43 -24.72
CA TYR A 259 -16.38 1.60 -23.29
C TYR A 259 -15.67 0.38 -22.75
N VAL A 260 -15.05 0.54 -21.58
CA VAL A 260 -14.38 -0.57 -20.89
C VAL A 260 -14.90 -0.64 -19.44
N ILE A 261 -15.09 -1.86 -18.94
CA ILE A 261 -15.29 -2.07 -17.51
C ILE A 261 -14.04 -2.75 -16.97
N SER A 262 -13.43 -2.13 -15.96
CA SER A 262 -12.33 -2.73 -15.24
C SER A 262 -12.92 -3.51 -14.05
N ALA A 263 -12.87 -4.84 -14.13
CA ALA A 263 -13.49 -5.68 -13.12
C ALA A 263 -12.44 -6.48 -12.32
N ILE A 264 -11.28 -5.85 -12.12
CA ILE A 264 -10.14 -6.49 -11.44
C ILE A 264 -9.88 -5.76 -10.11
N PRO A 265 -9.20 -6.41 -9.14
CA PRO A 265 -8.84 -5.73 -7.89
C PRO A 265 -8.15 -4.40 -8.17
N PRO A 266 -8.48 -3.35 -7.40
CA PRO A 266 -7.97 -2.01 -7.72
C PRO A 266 -6.46 -1.98 -7.98
N THR A 267 -5.66 -2.57 -7.09
CA THR A 267 -4.22 -2.50 -7.28
C THR A 267 -3.76 -3.19 -8.56
N LEU A 268 -4.50 -4.21 -9.00
CA LEU A 268 -4.13 -4.93 -10.24
C LEU A 268 -4.29 -4.06 -11.50
N GLY A 269 -4.92 -2.90 -11.37
CA GLY A 269 -4.88 -1.89 -12.43
C GLY A 269 -3.45 -1.44 -12.76
N MET A 270 -2.52 -1.65 -11.83
CA MET A 270 -1.10 -1.36 -12.06
C MET A 270 -0.49 -2.21 -13.17
N LYS A 271 -1.09 -3.37 -13.46
CA LYS A 271 -0.55 -4.27 -14.49
C LYS A 271 -0.89 -3.75 -15.89
N ILE A 272 -1.68 -2.67 -15.96
CA ILE A 272 -2.10 -2.09 -17.23
C ILE A 272 -1.36 -0.75 -17.42
N HIS A 273 -0.81 -0.56 -18.62
CA HIS A 273 -0.19 0.71 -18.99
C HIS A 273 -1.27 1.55 -19.64
N PHE A 274 -1.42 2.78 -19.18
CA PHE A 274 -2.52 3.63 -19.64
C PHE A 274 -2.06 4.76 -20.54
N ASN A 275 -2.85 5.00 -21.58
CA ASN A 275 -2.64 6.13 -22.46
C ASN A 275 -3.99 6.79 -22.68
N PRO A 276 -4.14 8.07 -22.27
CA PRO A 276 -3.16 8.89 -21.55
C PRO A 276 -2.95 8.35 -20.13
N PRO A 277 -1.95 8.89 -19.41
CA PRO A 277 -1.77 8.38 -18.04
C PRO A 277 -3.02 8.61 -17.19
N LEU A 278 -3.22 7.78 -16.17
CA LEU A 278 -4.34 7.98 -15.26
C LEU A 278 -4.24 9.34 -14.56
N PRO A 279 -5.37 9.92 -14.16
CA PRO A 279 -5.29 11.10 -13.32
C PRO A 279 -4.51 10.81 -12.04
N MET A 280 -3.87 11.85 -11.50
CA MET A 280 -2.99 11.72 -10.34
C MET A 280 -3.59 10.90 -9.21
N MET A 281 -4.85 11.19 -8.84
CA MET A 281 -5.40 10.51 -7.69
C MET A 281 -5.52 9.00 -7.90
N ARG A 282 -6.06 8.57 -9.04
CA ARG A 282 -6.10 7.12 -9.29
C ARG A 282 -4.70 6.51 -9.47
N ASN A 283 -3.81 7.24 -10.15
CA ASN A 283 -2.42 6.78 -10.33
C ASN A 283 -1.78 6.37 -9.00
N GLN A 284 -1.93 7.23 -7.98
CA GLN A 284 -1.39 6.92 -6.66
C GLN A 284 -2.26 5.94 -5.85
N MET A 285 -3.58 6.03 -6.02
CA MET A 285 -4.49 5.17 -5.25
C MET A 285 -4.15 3.70 -5.48
N ILE A 286 -3.90 3.33 -6.74
CA ILE A 286 -3.72 1.92 -7.06
C ILE A 286 -2.40 1.31 -6.55
N THR A 287 -1.55 2.14 -5.93
CA THR A 287 -0.31 1.70 -5.27
C THR A 287 -0.45 1.63 -3.74
N ARG A 288 -1.65 1.97 -3.24
CA ARG A 288 -1.90 2.18 -1.82
C ARG A 288 -2.91 1.20 -1.21
N VAL A 289 -3.31 0.19 -1.98
CA VAL A 289 -4.49 -0.62 -1.67
C VAL A 289 -4.18 -2.13 -1.83
N PRO A 290 -3.47 -2.70 -0.86
CA PRO A 290 -3.11 -4.13 -0.93
C PRO A 290 -4.27 -5.03 -0.64
N LEU A 291 -4.15 -6.30 -1.03
CA LEU A 291 -5.11 -7.33 -0.60
C LEU A 291 -4.54 -8.12 0.56
N GLY A 292 -5.43 -8.71 1.36
CA GLY A 292 -5.06 -9.49 2.53
C GLY A 292 -4.37 -10.79 2.22
N SER A 293 -4.07 -11.56 3.28
CA SER A 293 -3.24 -12.74 3.16
C SER A 293 -3.93 -13.91 3.85
N VAL A 294 -4.16 -14.99 3.12
CA VAL A 294 -4.87 -16.13 3.70
C VAL A 294 -4.52 -17.42 2.95
N ILE A 295 -4.44 -18.51 3.69
CA ILE A 295 -4.41 -19.87 3.10
C ILE A 295 -5.72 -20.53 3.53
N LYS A 296 -6.54 -20.98 2.57
CA LYS A 296 -7.75 -21.74 2.90
C LYS A 296 -7.42 -23.22 2.84
N CYS A 297 -7.67 -23.95 3.94
CA CYS A 297 -7.20 -25.32 4.08
C CYS A 297 -8.37 -26.22 4.42
N ILE A 298 -8.49 -27.34 3.72
CA ILE A 298 -9.62 -28.28 3.98
C ILE A 298 -9.05 -29.67 4.29
N VAL A 299 -9.29 -30.14 5.50
CA VAL A 299 -8.85 -31.46 5.96
C VAL A 299 -10.05 -32.41 5.91
N TYR A 300 -9.87 -33.53 5.21
CA TYR A 300 -10.94 -34.53 5.01
C TYR A 300 -10.79 -35.69 5.96
N TYR A 301 -11.93 -36.21 6.40
CA TYR A 301 -11.98 -37.32 7.34
C TYR A 301 -12.97 -38.38 6.89
N LYS A 302 -12.87 -39.57 7.47
CA LYS A 302 -13.77 -40.67 7.12
C LYS A 302 -15.23 -40.33 7.47
N GLU A 303 -15.42 -39.65 8.59
CA GLU A 303 -16.74 -39.28 9.10
C GLU A 303 -16.65 -37.91 9.77
N PRO A 304 -17.79 -37.19 9.87
CA PRO A 304 -17.82 -35.94 10.62
C PRO A 304 -17.89 -36.23 12.13
N PHE A 305 -16.78 -36.76 12.64
CA PHE A 305 -16.70 -37.35 13.98
C PHE A 305 -16.97 -36.32 15.09
N TRP A 306 -16.73 -35.05 14.81
CA TRP A 306 -16.98 -33.98 15.78
C TRP A 306 -18.45 -33.91 16.18
N ARG A 307 -19.35 -34.24 15.24
CA ARG A 307 -20.79 -34.14 15.49
C ARG A 307 -21.20 -35.10 16.61
N LYS A 308 -20.53 -36.26 16.67
CA LYS A 308 -20.80 -37.27 17.70
C LYS A 308 -20.50 -36.76 19.10
N LYS A 309 -19.56 -35.81 19.20
CA LYS A 309 -19.25 -35.12 20.46
C LYS A 309 -20.08 -33.86 20.69
N ASP A 310 -21.10 -33.65 19.84
CA ASP A 310 -21.97 -32.49 19.92
C ASP A 310 -21.20 -31.19 19.65
N TYR A 311 -20.28 -31.29 18.69
CA TYR A 311 -19.58 -30.12 18.14
C TYR A 311 -19.98 -29.97 16.67
N CYS A 312 -20.31 -28.76 16.24
CA CYS A 312 -20.76 -28.62 14.84
C CYS A 312 -19.61 -28.59 13.86
N GLY A 313 -18.42 -28.21 14.37
CA GLY A 313 -17.19 -28.15 13.55
C GLY A 313 -16.63 -26.73 13.50
N THR A 314 -17.40 -25.78 14.03
CA THR A 314 -16.94 -24.38 14.16
C THR A 314 -16.00 -24.28 15.35
N MET A 315 -14.83 -23.73 15.11
CA MET A 315 -13.83 -23.49 16.17
C MET A 315 -13.33 -22.07 16.00
N ILE A 316 -13.34 -21.30 17.09
CA ILE A 316 -12.76 -19.95 17.11
C ILE A 316 -11.56 -20.12 18.02
N ILE A 317 -10.36 -20.02 17.43
CA ILE A 317 -9.13 -20.45 18.11
C ILE A 317 -8.18 -19.30 18.28
N ASP A 318 -8.01 -18.89 19.52
CA ASP A 318 -7.17 -17.75 19.81
C ASP A 318 -5.76 -18.24 20.16
N GLY A 319 -4.76 -17.44 19.85
CA GLY A 319 -3.40 -17.77 20.26
C GLY A 319 -2.42 -17.89 19.11
N GLU A 320 -1.21 -17.40 19.36
CA GLU A 320 -0.18 -17.33 18.33
C GLU A 320 0.22 -18.68 17.78
N GLU A 321 0.22 -19.70 18.64
CA GLU A 321 0.69 -21.03 18.28
C GLU A 321 -0.25 -21.71 17.30
N ALA A 322 -1.53 -21.35 17.34
CA ALA A 322 -2.51 -22.00 16.49
C ALA A 322 -2.34 -21.51 15.07
N PRO A 323 -2.07 -22.43 14.12
CA PRO A 323 -1.96 -21.93 12.75
C PRO A 323 -3.28 -21.39 12.19
N VAL A 324 -4.39 -22.01 12.59
CA VAL A 324 -5.73 -21.65 12.09
C VAL A 324 -6.52 -21.04 13.24
N ALA A 325 -7.16 -19.89 12.97
CA ALA A 325 -7.94 -19.18 14.00
C ALA A 325 -9.45 -19.43 13.86
N TYR A 326 -9.87 -19.99 12.72
CA TYR A 326 -11.30 -20.20 12.51
C TYR A 326 -11.56 -21.36 11.58
N THR A 327 -12.53 -22.19 11.95
CA THR A 327 -12.94 -23.32 11.12
C THR A 327 -14.46 -23.39 11.01
N LEU A 328 -14.90 -24.06 9.95
CA LEU A 328 -16.31 -24.46 9.76
C LEU A 328 -16.36 -25.89 9.22
N ASP A 329 -17.41 -26.62 9.58
CA ASP A 329 -17.70 -27.91 8.97
C ASP A 329 -17.87 -27.72 7.47
N ASP A 330 -17.13 -28.50 6.66
CA ASP A 330 -17.22 -28.42 5.18
C ASP A 330 -17.75 -29.71 4.55
N THR A 331 -18.34 -30.55 5.38
CA THR A 331 -19.00 -31.80 4.96
C THR A 331 -20.08 -31.51 3.92
N LYS A 332 -20.21 -32.40 2.93
CA LYS A 332 -21.24 -32.25 1.89
C LYS A 332 -22.64 -32.33 2.52
N PRO A 333 -23.66 -31.72 1.87
CA PRO A 333 -25.00 -31.76 2.45
C PRO A 333 -25.53 -33.19 2.62
N GLU A 334 -25.05 -34.10 1.78
CA GLU A 334 -25.40 -35.52 1.85
C GLU A 334 -24.83 -36.21 3.09
N GLY A 335 -23.84 -35.58 3.73
CA GLY A 335 -23.23 -36.10 4.96
C GLY A 335 -21.93 -36.85 4.71
N ASN A 336 -21.53 -36.93 3.43
CA ASN A 336 -20.26 -37.56 3.06
C ASN A 336 -19.16 -36.54 2.74
N TYR A 337 -17.97 -37.04 2.40
CA TYR A 337 -16.77 -36.22 2.22
C TYR A 337 -16.60 -35.31 3.44
N ALA A 338 -16.70 -35.91 4.62
CA ALA A 338 -16.52 -35.16 5.89
C ALA A 338 -15.24 -34.32 5.83
N ALA A 339 -15.33 -33.10 6.32
CA ALA A 339 -14.20 -32.16 6.19
C ALA A 339 -14.35 -30.98 7.14
N ILE A 340 -13.19 -30.43 7.52
CA ILE A 340 -13.11 -29.18 8.26
C ILE A 340 -12.38 -28.17 7.40
N MET A 341 -13.02 -27.02 7.18
CA MET A 341 -12.37 -25.89 6.51
C MET A 341 -11.74 -24.99 7.57
N GLY A 342 -10.50 -24.59 7.36
CA GLY A 342 -9.88 -23.61 8.26
C GLY A 342 -9.10 -22.57 7.50
N PHE A 343 -9.00 -21.37 8.07
CA PHE A 343 -8.21 -20.27 7.49
C PHE A 343 -6.92 -20.07 8.27
N ILE A 344 -5.81 -19.92 7.55
CA ILE A 344 -4.55 -19.45 8.14
C ILE A 344 -4.45 -17.99 7.74
N LEU A 345 -4.44 -17.08 8.72
CA LEU A 345 -4.74 -15.65 8.48
C LEU A 345 -3.54 -14.72 8.60
N ALA A 346 -3.50 -13.73 7.73
CA ALA A 346 -2.59 -12.57 7.90
C ALA A 346 -1.14 -13.00 8.11
N HIS A 347 -0.47 -12.60 9.20
CA HIS A 347 0.96 -12.93 9.32
C HIS A 347 1.23 -14.44 9.30
N LYS A 348 0.28 -15.23 9.79
CA LYS A 348 0.44 -16.69 9.77
C LYS A 348 0.48 -17.28 8.36
N ALA A 349 -0.26 -16.69 7.42
CA ALA A 349 -0.21 -17.10 6.01
C ALA A 349 1.19 -16.89 5.47
N ARG A 350 1.83 -15.78 5.87
CA ARG A 350 3.22 -15.50 5.47
C ARG A 350 4.18 -16.46 6.16
N LYS A 351 4.00 -16.65 7.47
CA LYS A 351 4.92 -17.45 8.29
C LYS A 351 4.90 -18.92 7.88
N LEU A 352 3.70 -19.46 7.70
CA LEU A 352 3.53 -20.89 7.47
C LEU A 352 3.62 -21.31 6.01
N ALA A 353 3.71 -20.34 5.12
CA ALA A 353 3.86 -20.60 3.68
C ALA A 353 5.19 -21.30 3.39
N ARG A 354 6.14 -21.13 4.29
CA ARG A 354 7.49 -21.73 4.23
C ARG A 354 7.43 -23.26 4.26
N LEU A 355 6.44 -23.77 4.98
CA LEU A 355 6.29 -25.21 5.19
C LEU A 355 5.83 -25.95 3.92
N THR A 356 5.94 -27.28 3.95
CA THR A 356 5.36 -28.09 2.89
C THR A 356 3.87 -28.26 3.18
N LYS A 357 3.11 -28.61 2.15
CA LYS A 357 1.70 -29.00 2.29
C LYS A 357 1.52 -30.06 3.39
N GLU A 358 2.38 -31.08 3.38
CA GLU A 358 2.33 -32.14 4.40
C GLU A 358 2.59 -31.60 5.81
N GLU A 359 3.52 -30.67 5.93
CA GLU A 359 3.80 -30.04 7.22
C GLU A 359 2.63 -29.21 7.76
N ARG A 360 1.98 -28.43 6.88
CA ARG A 360 0.77 -27.71 7.28
C ARG A 360 -0.37 -28.66 7.68
N LEU A 361 -0.59 -29.71 6.88
CA LEU A 361 -1.61 -30.72 7.26
C LEU A 361 -1.39 -31.26 8.68
N LYS A 362 -0.14 -31.64 8.99
CA LYS A 362 0.19 -32.16 10.31
C LYS A 362 -0.12 -31.14 11.41
N LYS A 363 0.31 -29.89 11.22
CA LYS A 363 0.04 -28.86 12.23
C LYS A 363 -1.45 -28.63 12.42
N LEU A 364 -2.22 -28.63 11.33
CA LEU A 364 -3.68 -28.44 11.43
C LEU A 364 -4.33 -29.61 12.18
N CYS A 365 -3.96 -30.84 11.84
CA CYS A 365 -4.54 -32.01 12.51
C CYS A 365 -4.24 -32.01 14.01
N GLU A 366 -3.01 -31.63 14.36
CA GLU A 366 -2.61 -31.60 15.76
C GLU A 366 -3.38 -30.54 16.54
N LEU A 367 -3.63 -29.42 15.88
CA LEU A 367 -4.43 -28.35 16.45
C LEU A 367 -5.86 -28.84 16.66
N TYR A 368 -6.45 -29.38 15.61
CA TYR A 368 -7.85 -29.84 15.67
C TYR A 368 -8.03 -30.94 16.73
N ALA A 369 -7.05 -31.85 16.82
CA ALA A 369 -7.11 -32.92 17.84
C ALA A 369 -7.18 -32.31 19.25
N LYS A 370 -6.37 -31.29 19.49
CA LYS A 370 -6.41 -30.63 20.78
C LYS A 370 -7.73 -29.88 21.00
N VAL A 371 -8.15 -29.08 20.02
CA VAL A 371 -9.35 -28.25 20.20
C VAL A 371 -10.60 -29.10 20.39
N LEU A 372 -10.69 -30.17 19.60
CA LEU A 372 -11.85 -31.07 19.64
C LEU A 372 -11.72 -32.18 20.68
N GLY A 373 -10.58 -32.22 21.37
CA GLY A 373 -10.28 -33.30 22.32
C GLY A 373 -10.46 -34.68 21.68
N SER A 374 -10.02 -34.80 20.44
CA SER A 374 -10.30 -35.99 19.62
C SER A 374 -9.10 -36.52 18.86
N LEU A 375 -8.59 -37.69 19.26
CA LEU A 375 -7.53 -38.37 18.50
C LEU A 375 -7.89 -38.65 17.03
N GLU A 376 -9.18 -38.77 16.74
CA GLU A 376 -9.63 -39.02 15.37
C GLU A 376 -9.18 -37.92 14.41
N ALA A 377 -8.97 -36.70 14.95
CA ALA A 377 -8.52 -35.58 14.11
C ALA A 377 -7.10 -35.79 13.53
N LEU A 378 -6.38 -36.77 14.09
CA LEU A 378 -5.03 -37.09 13.62
C LEU A 378 -5.06 -38.08 12.46
N GLU A 379 -6.26 -38.44 12.00
CA GLU A 379 -6.42 -39.43 10.93
C GLU A 379 -7.07 -38.89 9.66
N PRO A 380 -6.46 -37.85 9.04
CA PRO A 380 -7.11 -37.33 7.83
C PRO A 380 -7.03 -38.33 6.69
N VAL A 381 -7.99 -38.23 5.77
CA VAL A 381 -8.00 -39.09 4.57
C VAL A 381 -7.56 -38.36 3.30
N HIS A 382 -7.59 -37.03 3.37
CA HIS A 382 -7.25 -36.21 2.22
C HIS A 382 -7.07 -34.76 2.69
N TYR A 383 -6.42 -33.94 1.86
CA TYR A 383 -6.16 -32.54 2.19
C TYR A 383 -6.13 -31.72 0.92
N GLU A 384 -6.76 -30.55 0.95
CA GLU A 384 -6.62 -29.55 -0.14
C GLU A 384 -6.39 -28.18 0.47
N GLU A 385 -5.63 -27.32 -0.23
CA GLU A 385 -5.38 -25.97 0.29
C GLU A 385 -5.08 -25.01 -0.87
N LYS A 386 -5.21 -23.72 -0.58
CA LYS A 386 -4.79 -22.71 -1.56
C LYS A 386 -4.31 -21.48 -0.82
N ASN A 387 -3.05 -21.15 -1.07
CA ASN A 387 -2.48 -19.90 -0.55
C ASN A 387 -2.75 -18.78 -1.57
N TRP A 388 -3.71 -17.91 -1.28
CA TRP A 388 -4.06 -16.86 -2.24
C TRP A 388 -3.00 -15.76 -2.39
N CYS A 389 -2.03 -15.74 -1.47
CA CYS A 389 -0.95 -14.74 -1.55
C CYS A 389 -0.06 -14.91 -2.79
N GLU A 390 -0.08 -16.11 -3.38
CA GLU A 390 0.82 -16.40 -4.51
C GLU A 390 0.24 -16.02 -5.86
N GLU A 391 -1.00 -15.56 -5.87
CA GLU A 391 -1.74 -15.34 -7.11
C GLU A 391 -1.45 -13.99 -7.76
N GLN A 392 -0.76 -14.06 -8.91
CA GLN A 392 -0.42 -12.85 -9.67
C GLN A 392 -1.68 -12.06 -10.07
N TYR A 393 -2.75 -12.77 -10.41
CA TYR A 393 -3.97 -12.11 -10.91
C TYR A 393 -5.08 -11.96 -9.87
N SER A 394 -4.76 -12.17 -8.60
CA SER A 394 -5.63 -11.77 -7.47
C SER A 394 -4.93 -10.78 -6.54
N GLY A 395 -3.69 -11.10 -6.18
CA GLY A 395 -2.88 -10.28 -5.24
C GLY A 395 -3.04 -10.65 -3.77
N GLY A 396 -4.00 -11.55 -3.49
CA GLY A 396 -4.38 -11.92 -2.13
C GLY A 396 -5.86 -12.26 -2.05
N CYS A 397 -6.34 -12.44 -0.82
CA CYS A 397 -7.76 -12.67 -0.52
C CYS A 397 -7.99 -12.28 0.94
N TYR A 398 -9.25 -12.03 1.34
CA TYR A 398 -10.43 -12.08 0.43
C TYR A 398 -10.52 -10.86 -0.46
N THR A 399 -10.02 -9.74 0.06
CA THR A 399 -10.26 -8.46 -0.58
C THR A 399 -9.17 -7.44 -0.24
N THR A 400 -9.37 -6.25 -0.78
CA THR A 400 -8.47 -5.12 -0.62
C THR A 400 -8.72 -4.45 0.73
N TYR A 401 -7.63 -4.17 1.47
CA TYR A 401 -7.73 -3.37 2.69
C TYR A 401 -7.06 -2.00 2.51
N PHE A 402 -7.49 -1.04 3.34
CA PHE A 402 -6.94 0.32 3.28
C PHE A 402 -6.11 0.59 4.53
N PRO A 403 -4.80 0.83 4.37
CA PRO A 403 -3.95 1.25 5.49
C PRO A 403 -4.36 2.65 6.00
N PRO A 404 -3.87 3.06 7.18
CA PRO A 404 -4.28 4.35 7.74
C PRO A 404 -4.04 5.52 6.75
N GLY A 405 -5.05 6.38 6.62
CA GLY A 405 -4.89 7.62 5.89
C GLY A 405 -5.31 7.57 4.44
N ILE A 406 -5.54 6.37 3.90
CA ILE A 406 -5.76 6.20 2.47
C ILE A 406 -7.20 6.41 2.04
N LEU A 407 -8.15 5.89 2.81
CA LEU A 407 -9.56 5.95 2.42
C LEU A 407 -10.07 7.39 2.33
N THR A 408 -9.64 8.24 3.25
CA THR A 408 -10.07 9.64 3.19
C THR A 408 -9.41 10.39 2.04
N GLN A 409 -8.16 10.06 1.74
CA GLN A 409 -7.40 10.83 0.76
C GLN A 409 -7.73 10.38 -0.66
N TYR A 410 -7.98 9.09 -0.83
CA TYR A 410 -8.10 8.48 -2.17
C TYR A 410 -9.42 7.75 -2.42
N GLY A 411 -10.19 7.48 -1.36
CA GLY A 411 -11.41 6.68 -1.48
C GLY A 411 -12.41 7.19 -2.52
N ARG A 412 -12.51 8.51 -2.67
CA ARG A 412 -13.53 9.04 -3.59
C ARG A 412 -13.31 8.62 -5.04
N VAL A 413 -12.07 8.27 -5.40
CA VAL A 413 -11.84 7.92 -6.81
C VAL A 413 -11.98 6.43 -7.11
N LEU A 414 -12.27 5.63 -6.09
CA LEU A 414 -12.31 4.18 -6.30
C LEU A 414 -13.18 3.75 -7.49
N ARG A 415 -14.38 4.31 -7.60
CA ARG A 415 -15.27 3.89 -8.70
C ARG A 415 -15.63 5.07 -9.63
N GLN A 416 -14.83 6.13 -9.55
CA GLN A 416 -14.98 7.28 -10.43
C GLN A 416 -14.52 6.91 -11.85
N PRO A 417 -15.40 7.07 -12.85
CA PRO A 417 -14.95 6.72 -14.21
C PRO A 417 -13.75 7.52 -14.68
N VAL A 418 -12.92 6.89 -15.51
CA VAL A 418 -11.79 7.55 -16.13
C VAL A 418 -12.07 7.58 -17.63
N ASP A 419 -12.63 8.70 -18.10
CA ASP A 419 -13.11 8.86 -19.49
C ASP A 419 -14.15 7.77 -19.82
N ARG A 420 -13.75 6.73 -20.56
CA ARG A 420 -14.68 5.67 -20.96
C ARG A 420 -14.43 4.34 -20.22
N ILE A 421 -13.57 4.39 -19.21
CA ILE A 421 -13.36 3.25 -18.29
C ILE A 421 -14.23 3.40 -17.05
N TYR A 422 -15.02 2.37 -16.77
CA TYR A 422 -15.91 2.32 -15.60
C TYR A 422 -15.40 1.18 -14.71
N PHE A 423 -15.66 1.27 -13.41
CA PHE A 423 -15.02 0.35 -12.47
C PHE A 423 -15.97 -0.55 -11.74
N ALA A 424 -15.79 -1.85 -11.96
CA ALA A 424 -16.58 -2.85 -11.24
C ALA A 424 -15.66 -3.47 -10.19
N GLY A 425 -15.92 -4.72 -9.83
CA GLY A 425 -15.12 -5.42 -8.82
C GLY A 425 -15.72 -5.24 -7.45
N THR A 426 -15.63 -6.29 -6.63
CA THR A 426 -16.29 -6.22 -5.33
C THR A 426 -15.86 -5.03 -4.46
N GLU A 427 -14.61 -4.60 -4.62
CA GLU A 427 -14.04 -3.47 -3.86
C GLU A 427 -14.82 -2.17 -4.03
N THR A 428 -15.55 -2.05 -5.15
CA THR A 428 -16.33 -0.84 -5.44
C THR A 428 -17.81 -0.92 -5.02
N ALA A 429 -18.21 -2.04 -4.41
CA ALA A 429 -19.58 -2.19 -3.93
C ALA A 429 -19.85 -1.37 -2.68
N THR A 430 -21.13 -1.16 -2.38
CA THR A 430 -21.54 -0.41 -1.19
C THR A 430 -22.31 -1.30 -0.19
N HIS A 431 -22.56 -2.56 -0.57
CA HIS A 431 -23.23 -3.53 0.29
C HIS A 431 -22.54 -4.87 0.07
N TRP A 432 -21.94 -5.41 1.14
CA TRP A 432 -21.09 -6.59 1.07
C TRP A 432 -19.93 -6.47 0.06
N SER A 433 -19.32 -5.28 0.00
CA SER A 433 -18.01 -5.15 -0.63
C SER A 433 -17.05 -6.13 0.04
N GLY A 434 -16.23 -6.79 -0.79
CA GLY A 434 -15.33 -7.85 -0.32
C GLY A 434 -15.85 -9.26 -0.60
N TYR A 435 -17.14 -9.37 -0.94
CA TYR A 435 -17.82 -10.64 -1.09
C TYR A 435 -18.31 -10.87 -2.52
N MET A 436 -18.77 -12.09 -2.79
CA MET A 436 -19.43 -12.38 -4.06
C MET A 436 -20.64 -11.46 -4.29
N GLU A 437 -21.40 -11.20 -3.23
CA GLU A 437 -22.53 -10.27 -3.31
C GLU A 437 -22.09 -8.90 -3.86
N GLY A 438 -21.02 -8.34 -3.27
CA GLY A 438 -20.49 -7.06 -3.73
C GLY A 438 -20.02 -7.11 -5.19
N ALA A 439 -19.44 -8.24 -5.59
CA ALA A 439 -19.03 -8.42 -6.98
C ALA A 439 -20.22 -8.23 -7.91
N VAL A 440 -21.35 -8.84 -7.57
CA VAL A 440 -22.54 -8.70 -8.41
C VAL A 440 -23.06 -7.26 -8.41
N GLU A 441 -23.12 -6.64 -7.24
CA GLU A 441 -23.61 -5.27 -7.14
C GLU A 441 -22.78 -4.35 -8.05
N ALA A 442 -21.46 -4.44 -7.91
CA ALA A 442 -20.56 -3.55 -8.66
C ALA A 442 -20.55 -3.81 -10.17
N GLY A 443 -20.64 -5.08 -10.57
CA GLY A 443 -20.59 -5.42 -11.99
C GLY A 443 -21.85 -4.90 -12.68
N GLU A 444 -22.98 -5.11 -12.03
CA GLU A 444 -24.25 -4.66 -12.60
C GLU A 444 -24.37 -3.12 -12.59
N ARG A 445 -23.87 -2.47 -11.54
CA ARG A 445 -23.88 -1.00 -11.47
C ARG A 445 -22.97 -0.41 -12.55
N ALA A 446 -21.78 -0.99 -12.73
CA ALA A 446 -20.85 -0.50 -13.76
C ALA A 446 -21.48 -0.65 -15.14
N ALA A 447 -22.09 -1.81 -15.39
CA ALA A 447 -22.80 -2.07 -16.63
C ALA A 447 -23.86 -1.00 -16.86
N ARG A 448 -24.66 -0.71 -15.84
CA ARG A 448 -25.73 0.30 -15.97
C ARG A 448 -25.20 1.73 -16.14
N GLU A 449 -24.04 2.02 -15.54
CA GLU A 449 -23.38 3.30 -15.82
C GLU A 449 -23.12 3.49 -17.32
N ILE A 450 -22.69 2.41 -17.98
CA ILE A 450 -22.45 2.42 -19.43
C ILE A 450 -23.78 2.53 -20.21
N LEU A 451 -24.79 1.76 -19.82
CA LEU A 451 -26.13 1.90 -20.43
C LEU A 451 -26.62 3.35 -20.34
N HIS A 452 -26.42 3.98 -19.19
CA HIS A 452 -26.80 5.38 -19.04
C HIS A 452 -26.01 6.30 -19.97
N ALA A 453 -24.70 6.08 -20.07
CA ALA A 453 -23.81 6.85 -20.95
C ALA A 453 -24.25 6.74 -22.40
N MET A 454 -24.80 5.60 -22.75
CA MET A 454 -25.30 5.36 -24.10
C MET A 454 -26.70 5.89 -24.31
N GLY A 455 -27.28 6.46 -23.26
CA GLY A 455 -28.65 6.98 -23.29
C GLY A 455 -29.72 5.91 -23.40
N LYS A 456 -29.40 4.69 -22.94
CA LYS A 456 -30.34 3.57 -22.98
C LYS A 456 -31.23 3.47 -21.76
N ILE A 457 -30.77 4.01 -20.63
CA ILE A 457 -31.54 4.05 -19.38
C ILE A 457 -31.36 5.41 -18.68
N PRO A 458 -32.35 5.84 -17.89
CA PRO A 458 -32.22 7.10 -17.14
C PRO A 458 -31.27 6.96 -15.97
N GLU A 459 -30.77 8.09 -15.49
CA GLU A 459 -29.79 8.14 -14.39
C GLU A 459 -30.25 7.38 -13.14
N ASP A 460 -31.55 7.47 -12.84
CA ASP A 460 -32.10 6.87 -11.64
C ASP A 460 -32.11 5.34 -11.65
N GLU A 461 -31.75 4.75 -12.80
CA GLU A 461 -31.70 3.30 -12.96
C GLU A 461 -30.29 2.72 -12.86
N ILE A 462 -29.30 3.59 -12.62
CA ILE A 462 -27.91 3.13 -12.50
C ILE A 462 -27.78 2.26 -11.24
N TRP A 463 -28.28 2.78 -10.12
CA TRP A 463 -28.27 2.06 -8.85
C TRP A 463 -29.65 1.46 -8.63
N GLN A 464 -29.72 0.13 -8.53
CA GLN A 464 -31.00 -0.54 -8.37
C GLN A 464 -31.10 -1.41 -7.13
N SER A 465 -32.22 -1.27 -6.42
CA SER A 465 -32.51 -2.11 -5.26
C SER A 465 -32.69 -3.56 -5.70
N GLU A 466 -32.54 -4.48 -4.75
CA GLU A 466 -32.72 -5.91 -5.03
C GLU A 466 -33.81 -6.50 -4.14
N PRO A 467 -34.81 -7.16 -4.76
CA PRO A 467 -35.85 -7.82 -3.94
C PRO A 467 -35.23 -8.89 -3.05
N GLU A 468 -35.76 -9.01 -1.83
CA GLU A 468 -35.28 -10.02 -0.90
C GLU A 468 -35.55 -11.43 -1.43
N SER A 469 -34.53 -12.29 -1.31
CA SER A 469 -34.64 -13.70 -1.66
C SER A 469 -35.83 -14.34 -0.92
N VAL A 470 -36.62 -15.13 -1.63
CA VAL A 470 -37.69 -15.91 -1.01
C VAL A 470 -37.15 -17.17 -0.35
N ASP A 471 -35.97 -17.60 -0.80
CA ASP A 471 -35.36 -18.84 -0.35
C ASP A 471 -34.51 -18.65 0.89
N VAL A 472 -33.93 -17.47 1.03
CA VAL A 472 -33.00 -17.17 2.14
C VAL A 472 -33.46 -15.89 2.83
N PRO A 473 -34.55 -16.01 3.64
CA PRO A 473 -35.06 -14.83 4.30
C PRO A 473 -34.09 -14.34 5.37
N ALA A 474 -34.08 -13.03 5.58
CA ALA A 474 -33.19 -12.42 6.57
C ALA A 474 -33.95 -12.05 7.84
N GLN A 475 -33.57 -12.69 8.94
CA GLN A 475 -34.09 -12.29 10.24
C GLN A 475 -33.38 -11.00 10.62
N PRO A 476 -34.11 -10.06 11.24
CA PRO A 476 -33.50 -8.80 11.62
C PRO A 476 -32.44 -8.98 12.70
N ILE A 477 -31.50 -8.05 12.76
CA ILE A 477 -30.53 -8.00 13.86
C ILE A 477 -31.19 -7.26 15.02
N THR A 478 -31.23 -7.91 16.17
CA THR A 478 -31.91 -7.36 17.34
C THR A 478 -30.91 -7.28 18.49
N THR A 479 -31.20 -6.40 19.44
CA THR A 479 -30.45 -6.31 20.69
C THR A 479 -31.40 -6.39 21.86
N THR A 480 -30.85 -6.61 23.05
CA THR A 480 -31.66 -6.58 24.27
C THR A 480 -31.47 -5.26 24.97
N PHE A 481 -32.40 -4.95 25.88
CA PHE A 481 -32.32 -3.75 26.69
C PHE A 481 -30.97 -3.66 27.41
N LEU A 482 -30.53 -4.76 28.01
CA LEU A 482 -29.26 -4.81 28.74
C LEU A 482 -28.07 -4.57 27.82
N GLU A 483 -28.12 -5.15 26.62
CA GLU A 483 -27.05 -4.97 25.63
C GLU A 483 -26.93 -3.51 25.22
N ARG A 484 -28.08 -2.86 25.04
CA ARG A 484 -28.13 -1.44 24.68
C ARG A 484 -27.60 -0.50 25.76
N HIS A 485 -27.89 -0.81 27.03
CA HIS A 485 -27.75 0.18 28.10
C HIS A 485 -26.70 -0.11 29.18
N LEU A 486 -26.18 -1.33 29.21
CA LEU A 486 -25.12 -1.65 30.18
C LEU A 486 -23.92 -0.74 29.93
N PRO A 487 -23.29 -0.25 31.01
CA PRO A 487 -22.15 0.66 30.81
C PRO A 487 -20.91 -0.06 30.30
N SER A 488 -20.02 0.71 29.69
CA SER A 488 -18.68 0.24 29.37
C SER A 488 -17.91 0.15 30.69
N VAL A 489 -16.68 -0.36 30.61
CA VAL A 489 -15.82 -0.38 31.79
C VAL A 489 -15.51 1.05 32.30
N PRO A 490 -15.03 1.96 31.42
CA PRO A 490 -14.84 3.35 31.90
C PRO A 490 -16.15 4.03 32.34
N GLY A 491 -17.25 3.67 31.69
CA GLY A 491 -18.60 4.13 32.09
C GLY A 491 -18.92 3.72 33.51
N LEU A 492 -18.62 2.46 33.85
CA LEU A 492 -18.79 1.95 35.21
C LEU A 492 -17.90 2.66 36.22
N LEU A 493 -16.63 2.89 35.84
CA LEU A 493 -15.65 3.56 36.69
C LEU A 493 -16.04 5.01 36.98
N ARG A 494 -16.61 5.69 35.99
CA ARG A 494 -17.17 7.03 36.17
C ARG A 494 -18.30 7.00 37.19
N LEU A 495 -19.18 6.01 37.04
CA LEU A 495 -20.31 5.81 37.94
C LEU A 495 -19.84 5.57 39.38
N ILE A 496 -18.82 4.71 39.55
CA ILE A 496 -18.20 4.46 40.86
C ILE A 496 -17.59 5.73 41.46
N GLY A 497 -16.82 6.45 40.67
CA GLY A 497 -16.18 7.70 41.11
C GLY A 497 -17.19 8.77 41.51
N LEU A 498 -18.35 8.74 40.86
CA LEU A 498 -19.44 9.70 41.12
C LEU A 498 -20.17 9.38 42.43
N THR A 499 -20.46 8.10 42.65
CA THR A 499 -21.09 7.64 43.89
C THR A 499 -20.17 7.84 45.11
N THR A 500 -18.87 7.59 44.90
CA THR A 500 -17.87 7.79 45.95
C THR A 500 -17.35 9.24 45.93
N ILE A 501 -18.27 10.20 46.05
CA ILE A 501 -17.94 11.62 46.04
C ILE A 501 -18.98 12.46 46.77
N ASN B 3 17.97 -7.23 -29.75
CA ASN B 3 17.51 -8.54 -29.19
C ASN B 3 18.47 -9.09 -28.11
N LYS B 4 19.65 -9.57 -28.49
CA LYS B 4 20.49 -10.36 -27.58
C LYS B 4 21.58 -9.56 -26.88
N CYS B 5 21.69 -9.74 -25.56
CA CYS B 5 22.73 -9.09 -24.76
C CYS B 5 23.05 -9.89 -23.49
N ASP B 6 23.99 -9.40 -22.69
CA ASP B 6 24.34 -10.04 -21.42
C ASP B 6 23.35 -9.67 -20.31
N VAL B 7 23.06 -8.38 -20.18
CA VAL B 7 22.19 -7.89 -19.11
C VAL B 7 21.24 -6.83 -19.66
N VAL B 8 19.95 -7.00 -19.36
CA VAL B 8 18.94 -5.99 -19.63
C VAL B 8 18.74 -5.24 -18.30
N VAL B 9 18.82 -3.92 -18.36
CA VAL B 9 18.53 -3.07 -17.19
C VAL B 9 17.18 -2.43 -17.46
N VAL B 10 16.22 -2.66 -16.55
CA VAL B 10 14.89 -2.07 -16.69
C VAL B 10 14.89 -0.78 -15.89
N GLY B 11 14.73 0.35 -16.58
CA GLY B 11 14.77 1.67 -15.96
C GLY B 11 16.08 2.43 -16.17
N GLY B 12 15.97 3.63 -16.72
CA GLY B 12 17.12 4.49 -16.96
C GLY B 12 17.15 5.72 -16.07
N GLY B 13 16.81 5.51 -14.79
CA GLY B 13 17.11 6.50 -13.76
C GLY B 13 18.57 6.41 -13.37
N ILE B 14 18.97 7.15 -12.35
CA ILE B 14 20.36 7.10 -11.89
C ILE B 14 20.80 5.68 -11.52
N SER B 15 19.91 4.91 -10.90
CA SER B 15 20.31 3.58 -10.45
C SER B 15 20.58 2.65 -11.63
N GLY B 16 19.65 2.62 -12.58
CA GLY B 16 19.77 1.80 -13.79
C GLY B 16 20.97 2.23 -14.62
N MET B 17 21.17 3.53 -14.76
CA MET B 17 22.31 4.07 -15.50
C MET B 17 23.63 3.70 -14.84
N ALA B 18 23.69 3.82 -13.51
CA ALA B 18 24.92 3.50 -12.78
C ALA B 18 25.24 2.00 -12.94
N ALA B 19 24.20 1.16 -12.88
CA ALA B 19 24.38 -0.30 -13.04
C ALA B 19 24.87 -0.57 -14.45
N ALA B 20 24.21 0.03 -15.43
CA ALA B 20 24.55 -0.19 -16.83
C ALA B 20 25.99 0.23 -17.12
N LYS B 21 26.38 1.39 -16.61
CA LYS B 21 27.75 1.91 -16.82
C LYS B 21 28.78 0.95 -16.24
N LEU B 22 28.54 0.46 -15.02
CA LEU B 22 29.50 -0.47 -14.39
C LEU B 22 29.67 -1.74 -15.21
N LEU B 23 28.55 -2.31 -15.67
CA LEU B 23 28.57 -3.54 -16.46
C LEU B 23 29.25 -3.31 -17.81
N HIS B 24 28.88 -2.21 -18.46
CA HIS B 24 29.50 -1.81 -19.73
C HIS B 24 31.02 -1.65 -19.60
N ASP B 25 31.44 -0.94 -18.55
CA ASP B 25 32.87 -0.70 -18.29
C ASP B 25 33.61 -2.01 -18.01
N SER B 26 32.88 -3.02 -17.55
CA SER B 26 33.48 -4.33 -17.27
C SER B 26 33.54 -5.20 -18.51
N GLY B 27 32.96 -4.72 -19.60
CA GLY B 27 33.04 -5.39 -20.91
C GLY B 27 31.82 -6.21 -21.30
N LEU B 28 30.74 -6.10 -20.51
CA LEU B 28 29.51 -6.79 -20.84
C LEU B 28 28.66 -5.97 -21.80
N ASN B 29 27.84 -6.66 -22.59
CA ASN B 29 26.89 -5.99 -23.48
C ASN B 29 25.58 -5.73 -22.73
N VAL B 30 25.29 -4.44 -22.51
CA VAL B 30 24.10 -4.05 -21.75
C VAL B 30 23.11 -3.29 -22.61
N VAL B 31 21.83 -3.42 -22.27
CA VAL B 31 20.78 -2.65 -22.87
C VAL B 31 19.98 -2.06 -21.70
N VAL B 32 19.66 -0.78 -21.79
CA VAL B 32 18.77 -0.13 -20.84
C VAL B 32 17.42 0.12 -21.49
N LEU B 33 16.37 -0.44 -20.89
CA LEU B 33 15.03 -0.27 -21.41
C LEU B 33 14.33 0.75 -20.51
N GLU B 34 14.04 1.91 -21.09
CA GLU B 34 13.42 3.04 -20.37
C GLU B 34 12.03 3.35 -20.89
N ALA B 35 11.06 3.40 -19.98
CA ALA B 35 9.65 3.63 -20.35
C ALA B 35 9.38 5.01 -20.96
N ARG B 36 10.01 6.04 -20.40
CA ARG B 36 9.76 7.42 -20.83
C ARG B 36 10.54 7.78 -22.10
N ASP B 37 10.19 8.93 -22.67
CA ASP B 37 10.95 9.53 -23.76
C ASP B 37 12.20 10.29 -23.27
N ARG B 38 12.57 10.08 -22.01
CA ARG B 38 13.75 10.69 -21.43
C ARG B 38 14.36 9.77 -20.38
N VAL B 39 15.63 10.00 -20.08
CA VAL B 39 16.27 9.34 -18.94
C VAL B 39 16.19 10.24 -17.70
N GLY B 40 16.57 9.68 -16.55
CA GLY B 40 16.65 10.48 -15.31
C GLY B 40 15.61 10.12 -14.26
N GLY B 41 14.44 9.66 -14.71
CA GLY B 41 13.39 9.21 -13.77
C GLY B 41 12.94 10.27 -12.78
N ARG B 42 13.23 10.04 -11.49
CA ARG B 42 12.86 11.00 -10.43
C ARG B 42 13.77 12.22 -10.36
N THR B 43 14.79 12.23 -11.21
CA THR B 43 15.50 13.48 -11.53
C THR B 43 15.06 13.95 -12.91
N TYR B 44 14.92 15.28 -13.03
CA TYR B 44 14.49 15.92 -14.26
C TYR B 44 14.96 17.35 -14.22
N THR B 45 15.86 17.71 -15.14
CA THR B 45 16.32 19.08 -15.26
C THR B 45 15.68 19.71 -16.48
N LEU B 46 14.87 20.75 -16.27
CA LEU B 46 14.22 21.50 -17.34
C LEU B 46 15.13 22.63 -17.74
N ARG B 47 15.30 22.85 -19.05
CA ARG B 47 16.08 24.00 -19.54
C ARG B 47 15.18 24.91 -20.36
N ASN B 48 15.23 26.20 -20.03
CA ASN B 48 14.64 27.24 -20.88
C ASN B 48 15.31 28.56 -20.59
N GLN B 49 14.99 29.58 -21.38
CA GLN B 49 15.69 30.84 -21.30
C GLN B 49 15.44 31.55 -19.96
N LYS B 50 14.24 31.36 -19.43
CA LYS B 50 13.82 32.06 -18.20
C LYS B 50 14.55 31.56 -16.96
N VAL B 51 14.90 30.28 -16.93
CA VAL B 51 15.47 29.65 -15.73
C VAL B 51 16.92 29.22 -15.94
N LYS B 52 17.35 29.23 -17.20
CA LYS B 52 18.57 28.55 -17.70
C LYS B 52 18.42 27.03 -17.54
N TYR B 53 18.49 26.56 -16.30
CA TYR B 53 18.15 25.17 -15.98
C TYR B 53 17.49 25.14 -14.62
N VAL B 54 16.64 24.14 -14.38
CA VAL B 54 16.09 23.97 -13.01
C VAL B 54 15.84 22.48 -12.74
N ASP B 55 16.26 22.02 -11.56
CA ASP B 55 15.92 20.66 -11.12
C ASP B 55 14.49 20.64 -10.61
N LEU B 56 13.62 19.91 -11.31
CA LEU B 56 12.22 19.74 -10.89
C LEU B 56 12.03 18.45 -10.10
N GLY B 57 13.02 17.58 -10.20
CA GLY B 57 13.10 16.38 -9.35
C GLY B 57 14.24 16.47 -8.37
N GLY B 58 14.89 15.33 -8.11
CA GLY B 58 15.99 15.28 -7.15
C GLY B 58 17.07 16.28 -7.49
N SER B 59 17.63 16.96 -6.47
CA SER B 59 18.61 18.05 -6.76
C SER B 59 19.84 18.06 -5.83
N TYR B 60 19.60 17.86 -4.54
CA TYR B 60 20.64 18.12 -3.54
C TYR B 60 21.54 16.94 -3.31
N VAL B 61 22.82 17.25 -3.12
CA VAL B 61 23.81 16.29 -2.64
C VAL B 61 24.61 16.94 -1.52
N GLY B 62 25.32 16.14 -0.74
CA GLY B 62 26.06 16.71 0.38
C GLY B 62 27.04 15.73 0.95
N PRO B 63 27.75 16.15 2.00
CA PRO B 63 28.80 15.31 2.61
C PRO B 63 28.24 13.97 3.05
N THR B 64 29.10 12.95 2.88
CA THR B 64 28.82 11.52 3.12
C THR B 64 28.14 10.81 1.96
N GLN B 65 27.73 11.56 0.94
CA GLN B 65 27.13 10.95 -0.25
C GLN B 65 28.23 10.80 -1.30
N ASN B 66 29.18 9.91 -1.01
CA ASN B 66 30.41 9.87 -1.79
C ASN B 66 30.28 9.21 -3.16
N ARG B 67 29.32 8.32 -3.30
CA ARG B 67 29.11 7.62 -4.56
C ARG B 67 28.57 8.51 -5.66
N ILE B 68 27.48 9.24 -5.37
CA ILE B 68 26.93 10.16 -6.37
C ILE B 68 27.95 11.26 -6.70
N LEU B 69 28.70 11.71 -5.69
CA LEU B 69 29.71 12.75 -5.93
C LEU B 69 30.82 12.24 -6.86
N ARG B 70 31.25 11.01 -6.61
CA ARG B 70 32.31 10.38 -7.45
C ARG B 70 31.84 10.13 -8.89
N LEU B 71 30.66 9.56 -9.04
CA LEU B 71 30.06 9.34 -10.35
C LEU B 71 29.89 10.65 -11.14
N ALA B 72 29.30 11.66 -10.51
CA ALA B 72 29.12 12.94 -11.17
C ALA B 72 30.46 13.57 -11.58
N LYS B 73 31.45 13.51 -10.69
CA LYS B 73 32.76 14.11 -10.97
C LYS B 73 33.37 13.42 -12.19
N GLU B 74 33.26 12.10 -12.24
CA GLU B 74 33.79 11.34 -13.39
C GLU B 74 33.13 11.75 -14.71
N LEU B 75 31.84 12.08 -14.65
CA LEU B 75 31.07 12.52 -15.80
C LEU B 75 31.32 13.99 -16.16
N GLY B 76 32.12 14.67 -15.34
CA GLY B 76 32.54 16.04 -15.64
C GLY B 76 31.68 17.12 -15.01
N LEU B 77 30.90 16.73 -14.01
CA LEU B 77 30.02 17.68 -13.30
C LEU B 77 30.71 18.32 -12.09
N GLU B 78 30.22 19.49 -11.70
CA GLU B 78 30.72 20.20 -10.53
C GLU B 78 29.51 20.54 -9.66
N THR B 79 29.76 20.78 -8.38
CA THR B 79 28.71 21.24 -7.47
C THR B 79 28.93 22.70 -7.08
N TYR B 80 27.87 23.30 -6.54
CA TYR B 80 28.00 24.58 -5.87
C TYR B 80 27.19 24.50 -4.60
N LYS B 81 27.45 25.41 -3.66
CA LYS B 81 26.80 25.37 -2.35
C LYS B 81 25.46 26.10 -2.37
N VAL B 82 24.45 25.44 -1.79
CA VAL B 82 23.13 26.06 -1.59
C VAL B 82 23.34 27.23 -0.64
N ASN B 83 22.71 28.36 -0.92
CA ASN B 83 22.97 29.55 -0.07
C ASN B 83 22.49 29.39 1.36
N GLU B 84 23.43 29.42 2.29
CA GLU B 84 23.09 29.41 3.72
C GLU B 84 23.95 30.41 4.52
N VAL B 85 24.28 31.53 3.87
CA VAL B 85 25.18 32.53 4.48
C VAL B 85 24.42 33.30 5.56
N GLU B 86 23.20 33.74 5.22
CA GLU B 86 22.39 34.57 6.12
C GLU B 86 21.48 33.72 7.01
N ARG B 87 20.53 34.36 7.68
CA ARG B 87 19.72 33.65 8.69
C ARG B 87 18.62 32.78 8.07
N LEU B 88 18.35 31.66 8.75
CA LEU B 88 17.22 30.80 8.41
C LEU B 88 16.00 31.40 9.10
N ILE B 89 14.79 31.05 8.64
CA ILE B 89 13.57 31.52 9.31
C ILE B 89 12.70 30.35 9.75
N HIS B 90 12.26 30.39 11.01
CA HIS B 90 11.19 29.50 11.48
C HIS B 90 9.94 30.35 11.66
N HIS B 91 8.90 30.05 10.87
CA HIS B 91 7.66 30.81 10.94
C HIS B 91 6.66 30.00 11.76
N VAL B 92 6.29 30.53 12.92
CA VAL B 92 5.39 29.82 13.82
C VAL B 92 4.32 30.76 14.35
N LYS B 93 3.08 30.25 14.38
CA LYS B 93 1.91 31.02 14.82
C LYS B 93 1.93 32.44 14.24
N GLY B 94 2.14 32.49 12.92
CA GLY B 94 2.05 33.73 12.15
C GLY B 94 3.16 34.76 12.31
N LYS B 95 4.29 34.37 12.88
CA LYS B 95 5.45 35.27 13.04
C LYS B 95 6.75 34.59 12.65
N SER B 96 7.66 35.35 12.03
CA SER B 96 8.96 34.83 11.62
C SER B 96 10.03 35.03 12.69
N TYR B 97 10.75 33.96 12.98
CA TYR B 97 11.80 33.96 13.97
C TYR B 97 13.11 33.57 13.29
N PRO B 98 13.96 34.55 12.99
CA PRO B 98 15.21 34.22 12.31
C PRO B 98 16.20 33.51 13.23
N PHE B 99 17.03 32.63 12.66
CA PHE B 99 18.00 31.90 13.46
C PHE B 99 19.18 31.44 12.64
N ARG B 100 20.21 30.97 13.34
CA ARG B 100 21.38 30.34 12.73
C ARG B 100 21.59 28.96 13.34
N GLY B 101 22.35 28.10 12.64
CA GLY B 101 22.50 26.70 13.05
C GLY B 101 21.37 25.90 12.43
N PRO B 102 21.49 24.55 12.40
CA PRO B 102 20.50 23.72 11.70
C PRO B 102 19.11 23.59 12.33
N PHE B 103 19.02 23.68 13.67
CA PHE B 103 17.74 23.52 14.39
C PHE B 103 17.18 24.87 14.84
N PRO B 104 15.87 25.12 14.62
CA PRO B 104 15.27 26.35 15.14
C PRO B 104 15.31 26.34 16.65
N PRO B 105 15.78 27.43 17.28
CA PRO B 105 15.84 27.51 18.75
C PRO B 105 14.47 27.57 19.42
N VAL B 106 14.45 27.13 20.67
CA VAL B 106 13.27 27.08 21.51
C VAL B 106 13.67 27.83 22.77
N TRP B 107 12.82 28.72 23.27
CA TRP B 107 13.16 29.52 24.45
C TRP B 107 12.49 29.08 25.77
N ASN B 108 11.23 28.66 25.71
CA ASN B 108 10.52 28.12 26.87
C ASN B 108 11.23 26.86 27.37
N PRO B 109 11.51 26.78 28.70
CA PRO B 109 12.35 25.70 29.24
C PRO B 109 11.74 24.30 29.08
N ILE B 110 10.44 24.19 29.24
CA ILE B 110 9.73 22.91 29.11
C ILE B 110 9.76 22.48 27.64
N THR B 111 9.44 23.42 26.76
CA THR B 111 9.46 23.18 25.33
C THR B 111 10.89 22.83 24.88
N TYR B 112 11.90 23.52 25.42
CA TYR B 112 13.30 23.19 25.13
C TYR B 112 13.63 21.72 25.45
N LEU B 113 13.25 21.28 26.65
CA LEU B 113 13.53 19.89 27.04
C LEU B 113 12.82 18.91 26.09
N ASP B 114 11.58 19.24 25.73
CA ASP B 114 10.75 18.39 24.86
C ASP B 114 11.36 18.27 23.46
N HIS B 115 11.71 19.40 22.86
CA HIS B 115 12.38 19.40 21.55
C HIS B 115 13.70 18.66 21.59
N ASN B 116 14.52 18.97 22.59
CA ASN B 116 15.81 18.32 22.70
C ASN B 116 15.63 16.80 22.79
N ASN B 117 14.68 16.37 23.61
CA ASN B 117 14.45 14.94 23.79
C ASN B 117 13.94 14.29 22.51
N PHE B 118 13.13 15.01 21.74
CA PHE B 118 12.55 14.43 20.53
C PHE B 118 13.67 14.03 19.58
N TRP B 119 14.54 14.98 19.25
CA TRP B 119 15.60 14.72 18.27
C TRP B 119 16.56 13.65 18.79
N ARG B 120 16.94 13.77 20.06
CA ARG B 120 17.85 12.84 20.70
C ARG B 120 17.30 11.42 20.64
N THR B 121 16.01 11.29 20.96
CA THR B 121 15.32 9.98 20.95
C THR B 121 15.26 9.33 19.57
N MET B 122 15.02 10.13 18.52
CA MET B 122 15.07 9.62 17.14
C MET B 122 16.43 8.94 16.85
N ASP B 123 17.52 9.61 17.23
CA ASP B 123 18.84 9.05 17.00
C ASP B 123 19.16 7.88 17.95
N ASP B 124 18.71 7.98 19.20
CA ASP B 124 18.85 6.88 20.17
C ASP B 124 18.24 5.59 19.62
N MET B 125 17.01 5.71 19.11
CA MET B 125 16.28 4.55 18.58
C MET B 125 16.98 4.03 17.34
N GLY B 126 17.40 4.94 16.47
CA GLY B 126 18.14 4.55 15.27
C GLY B 126 19.39 3.71 15.53
N ARG B 127 20.06 3.92 16.66
CA ARG B 127 21.30 3.20 16.95
C ARG B 127 21.10 1.69 17.11
N GLU B 128 19.85 1.31 17.36
CA GLU B 128 19.48 -0.12 17.50
C GLU B 128 18.94 -0.72 16.20
N ILE B 129 18.96 0.04 15.09
CA ILE B 129 18.39 -0.42 13.82
C ILE B 129 19.51 -0.66 12.80
N PRO B 130 19.80 -1.92 12.45
CA PRO B 130 20.85 -2.16 11.45
C PRO B 130 20.48 -1.57 10.09
N SER B 131 21.39 -0.80 9.48
CA SER B 131 21.09 -0.18 8.18
C SER B 131 20.73 -1.20 7.10
N ASP B 132 21.40 -2.35 7.12
CA ASP B 132 21.17 -3.38 6.11
C ASP B 132 20.09 -4.40 6.45
N ALA B 133 19.43 -4.24 7.60
CA ALA B 133 18.42 -5.20 8.07
C ALA B 133 17.59 -4.59 9.19
N PRO B 134 16.80 -3.54 8.87
CA PRO B 134 16.01 -2.90 9.94
C PRO B 134 15.07 -3.85 10.67
N TRP B 135 14.58 -4.90 9.98
CA TRP B 135 13.73 -5.93 10.61
C TRP B 135 14.45 -6.73 11.70
N LYS B 136 15.76 -6.54 11.84
CA LYS B 136 16.54 -7.16 12.91
C LYS B 136 16.73 -6.28 14.15
N ALA B 137 16.13 -5.09 14.13
CA ALA B 137 16.15 -4.25 15.32
C ALA B 137 15.55 -5.07 16.49
N PRO B 138 16.12 -4.93 17.70
CA PRO B 138 15.60 -5.71 18.84
C PRO B 138 14.08 -5.50 19.05
N LEU B 139 13.59 -4.29 18.79
CA LEU B 139 12.17 -3.98 18.95
C LEU B 139 11.46 -3.81 17.60
N ALA B 140 11.94 -4.52 16.59
CA ALA B 140 11.45 -4.33 15.22
C ALA B 140 9.94 -4.43 15.15
N GLU B 141 9.37 -5.46 15.75
CA GLU B 141 7.93 -5.66 15.62
C GLU B 141 7.13 -4.58 16.34
N GLU B 142 7.57 -4.25 17.55
CA GLU B 142 6.92 -3.21 18.34
C GLU B 142 6.92 -1.87 17.59
N TRP B 143 8.07 -1.52 17.03
CA TRP B 143 8.20 -0.25 16.33
C TRP B 143 7.52 -0.28 14.96
N ASP B 144 7.48 -1.44 14.31
CA ASP B 144 6.86 -1.54 12.97
C ASP B 144 5.34 -1.50 13.04
N ASN B 145 4.79 -1.87 14.19
CA ASN B 145 3.34 -1.98 14.36
C ASN B 145 2.71 -0.69 14.86
N MET B 146 3.52 0.37 14.91
CA MET B 146 3.12 1.69 15.36
C MET B 146 3.36 2.64 14.18
N THR B 147 2.50 3.65 14.01
CA THR B 147 2.82 4.72 13.02
C THR B 147 3.71 5.78 13.66
N MET B 148 4.28 6.66 12.82
CA MET B 148 5.03 7.78 13.38
C MET B 148 4.09 8.70 14.17
N LYS B 149 2.81 8.76 13.79
CA LYS B 149 1.85 9.57 14.56
C LYS B 149 1.77 9.07 15.99
N GLU B 150 1.64 7.75 16.16
CA GLU B 150 1.57 7.16 17.50
C GLU B 150 2.81 7.44 18.31
N LEU B 151 3.98 7.27 17.68
CA LEU B 151 5.25 7.52 18.36
C LEU B 151 5.36 9.00 18.80
N LEU B 152 5.02 9.92 17.90
CA LEU B 152 5.10 11.35 18.25
C LEU B 152 4.09 11.70 19.35
N ASP B 153 2.93 11.04 19.32
CA ASP B 153 1.92 11.25 20.38
C ASP B 153 2.47 10.85 21.75
N LYS B 154 3.25 9.77 21.79
CA LYS B 154 3.87 9.28 23.03
C LYS B 154 5.01 10.18 23.47
N LEU B 155 5.84 10.59 22.51
CA LEU B 155 7.12 11.20 22.83
C LEU B 155 7.01 12.71 23.12
N CYS B 156 6.13 13.39 22.42
CA CYS B 156 6.06 14.84 22.46
C CYS B 156 5.07 15.33 23.50
N TRP B 157 5.59 15.92 24.56
CA TRP B 157 4.73 16.49 25.62
C TRP B 157 4.22 17.90 25.33
N THR B 158 4.78 18.55 24.31
CA THR B 158 4.34 19.89 23.88
C THR B 158 3.87 19.86 22.45
N GLU B 159 2.89 20.71 22.14
CA GLU B 159 2.40 20.85 20.77
C GLU B 159 3.47 21.42 19.86
N SER B 160 4.31 22.30 20.41
CA SER B 160 5.43 22.90 19.67
C SER B 160 6.33 21.81 19.09
N ALA B 161 6.75 20.88 19.94
CA ALA B 161 7.62 19.76 19.49
C ALA B 161 6.88 18.87 18.50
N LYS B 162 5.62 18.55 18.81
CA LYS B 162 4.85 17.66 17.94
C LYS B 162 4.66 18.27 16.53
N GLN B 163 4.40 19.57 16.48
CA GLN B 163 4.22 20.25 15.20
C GLN B 163 5.52 20.24 14.39
N LEU B 164 6.64 20.49 15.05
CA LEU B 164 7.91 20.50 14.33
C LEU B 164 8.32 19.09 13.90
N ALA B 165 8.11 18.12 14.78
CA ALA B 165 8.37 16.70 14.46
C ALA B 165 7.51 16.24 13.28
N THR B 166 6.28 16.71 13.26
CA THR B 166 5.37 16.38 12.13
C THR B 166 5.91 16.93 10.81
N LEU B 167 6.35 18.19 10.83
CA LEU B 167 6.92 18.82 9.67
C LEU B 167 8.14 18.01 9.22
N PHE B 168 8.99 17.65 10.18
CA PHE B 168 10.18 16.84 9.93
C PHE B 168 9.81 15.57 9.16
N VAL B 169 8.82 14.83 9.65
CA VAL B 169 8.40 13.62 8.96
C VAL B 169 7.88 13.93 7.56
N ASN B 170 6.99 14.91 7.45
CA ASN B 170 6.38 15.27 6.16
C ASN B 170 7.46 15.64 5.13
N LEU B 171 8.45 16.39 5.57
CA LEU B 171 9.54 16.87 4.70
C LEU B 171 10.51 15.76 4.30
N CYS B 172 10.82 14.86 5.22
CA CYS B 172 11.78 13.79 4.97
C CYS B 172 11.24 12.76 3.97
N VAL B 173 9.96 12.44 4.11
CA VAL B 173 9.39 11.25 3.43
C VAL B 173 8.06 11.52 2.69
N THR B 174 7.73 12.80 2.54
CA THR B 174 6.55 13.24 1.76
C THR B 174 5.29 12.40 2.05
N ALA B 175 5.09 12.16 3.34
CA ALA B 175 3.98 11.35 3.80
C ALA B 175 3.58 11.83 5.18
N GLU B 176 2.35 11.52 5.54
CA GLU B 176 1.83 11.89 6.85
C GLU B 176 2.37 10.96 7.93
N THR B 177 2.42 11.47 9.15
CA THR B 177 2.95 10.70 10.27
C THR B 177 2.12 9.42 10.49
N HIS B 178 0.82 9.51 10.24
CA HIS B 178 -0.06 8.34 10.42
C HIS B 178 -0.01 7.36 9.25
N GLU B 179 0.66 7.74 8.17
CA GLU B 179 0.77 6.84 7.02
C GLU B 179 1.91 5.84 7.12
N VAL B 180 2.93 6.18 7.90
CA VAL B 180 4.22 5.47 7.87
C VAL B 180 4.53 4.69 9.16
N SER B 181 5.21 3.56 9.00
CA SER B 181 5.74 2.80 10.14
C SER B 181 6.80 3.58 10.89
N ALA B 182 6.75 3.51 12.21
CA ALA B 182 7.81 4.11 13.04
C ALA B 182 9.15 3.44 12.80
N LEU B 183 9.17 2.10 12.74
CA LEU B 183 10.43 1.39 12.47
C LEU B 183 11.01 1.89 11.14
N TRP B 184 10.18 1.92 10.09
CA TRP B 184 10.71 2.29 8.79
C TRP B 184 11.24 3.72 8.81
N PHE B 185 10.47 4.64 9.40
CA PHE B 185 10.95 6.05 9.44
C PHE B 185 12.26 6.21 10.23
N LEU B 186 12.36 5.53 11.37
CA LEU B 186 13.56 5.62 12.19
C LEU B 186 14.77 5.01 11.46
N TRP B 187 14.54 3.93 10.73
CA TRP B 187 15.56 3.38 9.85
C TRP B 187 15.99 4.41 8.80
N TYR B 188 15.00 5.04 8.16
CA TYR B 188 15.27 5.96 7.08
C TYR B 188 16.19 7.09 7.52
N VAL B 189 15.88 7.67 8.67
CA VAL B 189 16.72 8.75 9.22
C VAL B 189 18.12 8.23 9.58
N LYS B 190 18.18 7.10 10.27
CA LYS B 190 19.45 6.54 10.70
C LYS B 190 20.38 6.23 9.53
N GLN B 191 19.80 5.70 8.45
CA GLN B 191 20.59 5.28 7.28
C GLN B 191 21.06 6.48 6.42
N CYS B 192 20.55 7.68 6.72
CA CYS B 192 21.11 8.93 6.17
C CYS B 192 22.17 9.57 7.11
N GLY B 193 22.45 8.91 8.23
CA GLY B 193 23.42 9.42 9.20
C GLY B 193 22.87 10.16 10.39
N GLY B 194 21.55 10.15 10.56
CA GLY B 194 20.90 10.71 11.74
C GLY B 194 20.25 12.06 11.50
N THR B 195 19.65 12.61 12.56
CA THR B 195 18.76 13.77 12.40
C THR B 195 19.53 14.99 11.89
N THR B 196 20.69 15.26 12.50
CA THR B 196 21.46 16.45 12.08
C THR B 196 21.86 16.38 10.62
N ARG B 197 22.37 15.21 10.21
CA ARG B 197 22.87 15.07 8.85
C ARG B 197 21.74 15.22 7.82
N ILE B 198 20.57 14.64 8.12
CA ILE B 198 19.46 14.66 7.15
C ILE B 198 18.82 16.04 7.01
N ILE B 199 18.81 16.82 8.10
CA ILE B 199 18.12 18.13 8.07
C ILE B 199 19.03 19.31 7.74
N SER B 200 20.34 19.07 7.72
CA SER B 200 21.29 20.17 7.51
C SER B 200 21.54 20.50 6.04
N THR B 201 21.65 21.80 5.78
CA THR B 201 22.15 22.30 4.51
C THR B 201 23.70 22.28 4.64
N THR B 202 24.27 23.27 5.32
CA THR B 202 25.71 23.19 5.65
C THR B 202 26.01 21.89 6.43
N ASN B 203 26.91 21.08 5.88
CA ASN B 203 27.34 19.81 6.46
C ASN B 203 26.25 18.73 6.44
N GLY B 204 25.26 18.85 5.56
CA GLY B 204 24.23 17.81 5.49
C GLY B 204 23.72 17.53 4.09
N GLY B 205 22.59 16.82 4.01
CA GLY B 205 22.05 16.38 2.72
C GLY B 205 21.74 17.48 1.72
N GLN B 206 21.48 18.70 2.21
CA GLN B 206 21.10 19.78 1.28
C GLN B 206 22.24 20.75 0.98
N GLU B 207 23.50 20.32 1.16
CA GLU B 207 24.60 21.29 1.08
C GLU B 207 24.81 21.84 -0.32
N ARG B 208 24.62 20.99 -1.33
CA ARG B 208 25.05 21.31 -2.69
C ARG B 208 24.05 20.94 -3.75
N LYS B 209 24.18 21.58 -4.92
CA LYS B 209 23.45 21.19 -6.13
C LYS B 209 24.49 21.03 -7.25
N PHE B 210 24.12 20.33 -8.32
CA PHE B 210 25.01 20.21 -9.49
C PHE B 210 24.85 21.39 -10.39
N VAL B 211 25.98 22.00 -10.77
CA VAL B 211 25.96 23.03 -11.79
C VAL B 211 25.38 22.45 -13.08
N GLY B 212 24.29 23.04 -13.59
CA GLY B 212 23.64 22.57 -14.81
C GLY B 212 22.54 21.53 -14.59
N GLY B 213 22.39 21.06 -13.34
CA GLY B 213 21.29 20.15 -13.01
C GLY B 213 21.69 18.70 -12.84
N SER B 214 20.95 17.98 -11.98
CA SER B 214 21.24 16.58 -11.69
C SER B 214 20.88 15.63 -12.84
N GLY B 215 19.97 16.08 -13.71
CA GLY B 215 19.58 15.28 -14.88
C GLY B 215 20.80 14.93 -15.73
N GLN B 216 21.82 15.77 -15.66
CA GLN B 216 23.05 15.50 -16.40
C GLN B 216 23.71 14.17 -16.05
N VAL B 217 23.50 13.68 -14.83
CA VAL B 217 24.08 12.39 -14.46
C VAL B 217 23.57 11.30 -15.41
N SER B 218 22.24 11.16 -15.52
CA SER B 218 21.65 10.13 -16.36
C SER B 218 21.89 10.41 -17.84
N GLU B 219 21.80 11.69 -18.21
CA GLU B 219 22.02 12.10 -19.60
C GLU B 219 23.42 11.75 -20.06
N ARG B 220 24.42 12.06 -19.23
CA ARG B 220 25.82 11.81 -19.62
C ARG B 220 26.18 10.35 -19.67
N ILE B 221 25.54 9.55 -18.82
CA ILE B 221 25.71 8.09 -18.92
C ILE B 221 25.01 7.58 -20.19
N MET B 222 23.85 8.14 -20.52
CA MET B 222 23.19 7.77 -21.77
C MET B 222 24.11 8.11 -22.94
N ASP B 223 24.78 9.26 -22.86
CA ASP B 223 25.76 9.67 -23.90
C ASP B 223 26.84 8.59 -24.07
N LEU B 224 27.37 8.11 -22.95
CA LEU B 224 28.41 7.09 -22.98
C LEU B 224 27.92 5.79 -23.58
N LEU B 225 26.68 5.40 -23.29
CA LEU B 225 26.18 4.09 -23.71
C LEU B 225 25.65 4.08 -25.15
N GLY B 226 25.42 5.27 -25.71
CA GLY B 226 24.88 5.44 -27.07
C GLY B 226 23.56 4.76 -27.35
N ASP B 227 23.55 3.88 -28.34
CA ASP B 227 22.31 3.24 -28.74
C ASP B 227 21.90 2.07 -27.86
N ARG B 228 22.64 1.85 -26.77
CA ARG B 228 22.30 0.80 -25.78
C ARG B 228 21.10 1.20 -24.92
N VAL B 229 20.83 2.51 -24.85
CA VAL B 229 19.64 3.02 -24.15
C VAL B 229 18.46 3.15 -25.13
N LYS B 230 17.37 2.46 -24.78
CA LYS B 230 16.17 2.42 -25.60
C LYS B 230 15.06 3.19 -24.90
N LEU B 231 14.74 4.36 -25.42
CA LEU B 231 13.70 5.20 -24.84
C LEU B 231 12.32 4.79 -25.34
N GLU B 232 11.29 5.06 -24.54
CA GLU B 232 9.92 4.67 -24.91
C GLU B 232 9.77 3.16 -25.13
N ARG B 233 10.43 2.41 -24.25
CA ARG B 233 10.35 0.97 -24.17
C ARG B 233 9.90 0.56 -22.76
N PRO B 234 8.62 0.78 -22.44
CA PRO B 234 8.15 0.28 -21.15
C PRO B 234 8.16 -1.24 -21.18
N VAL B 235 8.79 -1.85 -20.18
CA VAL B 235 8.79 -3.31 -20.02
C VAL B 235 7.42 -3.77 -19.49
N ILE B 236 6.87 -4.80 -20.14
CA ILE B 236 5.52 -5.34 -19.83
C ILE B 236 5.54 -6.81 -19.41
N TYR B 237 6.64 -7.52 -19.72
CA TYR B 237 6.67 -8.96 -19.58
C TYR B 237 8.10 -9.46 -19.41
N ILE B 238 8.32 -10.28 -18.38
CA ILE B 238 9.60 -10.95 -18.17
C ILE B 238 9.35 -12.44 -18.02
N ASP B 239 10.04 -13.22 -18.86
CA ASP B 239 9.88 -14.67 -18.90
C ASP B 239 11.22 -15.33 -18.57
N GLN B 240 11.24 -16.10 -17.49
CA GLN B 240 12.44 -16.78 -17.05
C GLN B 240 12.32 -18.31 -17.13
N THR B 241 11.42 -18.80 -17.97
CA THR B 241 11.18 -20.24 -18.03
C THR B 241 12.20 -20.96 -18.93
N ARG B 242 12.93 -20.19 -19.74
CA ARG B 242 13.88 -20.76 -20.70
C ARG B 242 15.34 -20.47 -20.34
N GLU B 243 16.26 -20.89 -21.20
CA GLU B 243 17.71 -20.76 -20.96
C GLU B 243 18.16 -19.30 -20.76
N ASN B 244 17.70 -18.43 -21.66
CA ASN B 244 17.93 -17.00 -21.57
C ASN B 244 16.66 -16.29 -21.11
N VAL B 245 16.83 -15.21 -20.35
CA VAL B 245 15.68 -14.40 -19.92
C VAL B 245 15.13 -13.60 -21.09
N LEU B 246 13.80 -13.58 -21.22
CA LEU B 246 13.16 -12.83 -22.28
C LEU B 246 12.46 -11.63 -21.68
N VAL B 247 12.71 -10.44 -22.23
CA VAL B 247 12.10 -9.21 -21.74
C VAL B 247 11.37 -8.52 -22.88
N GLU B 248 10.06 -8.34 -22.73
CA GLU B 248 9.23 -7.75 -23.77
C GLU B 248 8.79 -6.34 -23.40
N THR B 249 8.80 -5.46 -24.38
CA THR B 249 8.34 -4.07 -24.19
C THR B 249 6.96 -3.81 -24.80
N LEU B 250 6.35 -2.70 -24.39
CA LEU B 250 5.01 -2.32 -24.83
C LEU B 250 4.94 -2.09 -26.34
N ASN B 251 6.02 -1.52 -26.90
CA ASN B 251 6.15 -1.30 -28.34
C ASN B 251 6.59 -2.55 -29.11
N HIS B 252 6.39 -3.71 -28.48
CA HIS B 252 6.40 -5.04 -29.11
C HIS B 252 7.77 -5.72 -29.28
N GLU B 253 8.83 -5.02 -28.90
CA GLU B 253 10.19 -5.52 -29.01
C GLU B 253 10.50 -6.59 -27.97
N MET B 254 11.40 -7.51 -28.34
CA MET B 254 11.83 -8.60 -27.47
C MET B 254 13.34 -8.52 -27.24
N TYR B 255 13.74 -8.63 -25.98
CA TYR B 255 15.15 -8.60 -25.59
C TYR B 255 15.51 -9.90 -24.88
N GLU B 256 16.70 -10.40 -25.16
CA GLU B 256 17.14 -11.66 -24.62
C GLU B 256 18.45 -11.43 -23.89
N ALA B 257 18.52 -11.88 -22.64
CA ALA B 257 19.70 -11.65 -21.80
C ALA B 257 19.96 -12.78 -20.82
N LYS B 258 21.18 -12.80 -20.28
CA LYS B 258 21.57 -13.76 -19.27
C LYS B 258 20.97 -13.37 -17.92
N TYR B 259 20.89 -12.07 -17.65
CA TYR B 259 20.39 -11.54 -16.37
C TYR B 259 19.62 -10.25 -16.60
N VAL B 260 18.79 -9.89 -15.61
CA VAL B 260 18.06 -8.63 -15.65
C VAL B 260 18.33 -7.87 -14.36
N ILE B 261 18.48 -6.55 -14.46
CA ILE B 261 18.39 -5.69 -13.27
C ILE B 261 17.09 -4.91 -13.32
N SER B 262 16.29 -5.01 -12.27
CA SER B 262 15.09 -4.20 -12.13
C SER B 262 15.50 -2.93 -11.39
N ALA B 263 15.52 -1.80 -12.09
CA ALA B 263 15.99 -0.55 -11.48
C ALA B 263 14.84 0.46 -11.37
N ILE B 264 13.64 -0.05 -11.10
CA ILE B 264 12.43 0.77 -11.00
C ILE B 264 11.92 0.77 -9.55
N PRO B 265 11.11 1.76 -9.16
CA PRO B 265 10.52 1.74 -7.81
C PRO B 265 9.84 0.39 -7.55
N PRO B 266 9.98 -0.16 -6.34
CA PRO B 266 9.47 -1.52 -6.09
C PRO B 266 8.03 -1.76 -6.59
N THR B 267 7.11 -0.86 -6.26
CA THR B 267 5.73 -1.08 -6.64
C THR B 267 5.51 -1.07 -8.15
N LEU B 268 6.37 -0.36 -8.89
CA LEU B 268 6.25 -0.34 -10.36
C LEU B 268 6.60 -1.68 -11.01
N GLY B 269 7.14 -2.61 -10.23
CA GLY B 269 7.23 -4.02 -10.65
C GLY B 269 5.85 -4.58 -11.02
N MET B 270 4.78 -4.00 -10.46
CA MET B 270 3.42 -4.45 -10.80
C MET B 270 3.05 -4.28 -12.27
N LYS B 271 3.72 -3.35 -12.95
CA LYS B 271 3.41 -3.08 -14.35
C LYS B 271 3.99 -4.13 -15.31
N ILE B 272 4.71 -5.09 -14.74
CA ILE B 272 5.34 -6.19 -15.48
C ILE B 272 4.64 -7.51 -15.13
N HIS B 273 4.25 -8.26 -16.17
CA HIS B 273 3.65 -9.59 -16.03
C HIS B 273 4.80 -10.59 -16.02
N PHE B 274 4.80 -11.46 -15.00
CA PHE B 274 5.92 -12.37 -14.79
C PHE B 274 5.59 -13.81 -15.12
N ASN B 275 6.54 -14.47 -15.80
CA ASN B 275 6.46 -15.91 -16.06
C ASN B 275 7.81 -16.56 -15.72
N PRO B 276 7.83 -17.48 -14.73
CA PRO B 276 6.72 -17.93 -13.90
C PRO B 276 6.28 -16.79 -12.97
N PRO B 277 5.13 -16.95 -12.28
CA PRO B 277 4.74 -15.87 -11.36
C PRO B 277 5.82 -15.60 -10.32
N LEU B 278 5.84 -14.38 -9.79
CA LEU B 278 6.77 -14.08 -8.71
C LEU B 278 6.50 -14.95 -7.48
N PRO B 279 7.53 -15.15 -6.64
CA PRO B 279 7.29 -15.84 -5.37
C PRO B 279 6.27 -15.05 -4.54
N MET B 280 5.47 -15.75 -3.72
CA MET B 280 4.42 -15.12 -2.90
C MET B 280 4.82 -13.83 -2.23
N MET B 281 5.98 -13.83 -1.55
CA MET B 281 6.32 -12.66 -0.74
C MET B 281 6.55 -11.43 -1.61
N ARG B 282 7.24 -11.60 -2.74
CA ARG B 282 7.43 -10.43 -3.63
C ARG B 282 6.11 -10.03 -4.31
N ASN B 283 5.32 -11.03 -4.70
CA ASN B 283 4.01 -10.78 -5.30
C ASN B 283 3.17 -9.82 -4.44
N GLN B 284 3.09 -10.09 -3.14
CA GLN B 284 2.35 -9.18 -2.25
C GLN B 284 3.15 -7.92 -1.87
N MET B 285 4.46 -8.05 -1.71
CA MET B 285 5.29 -6.89 -1.30
C MET B 285 5.07 -5.69 -2.22
N ILE B 286 5.06 -5.94 -3.52
CA ILE B 286 5.00 -4.85 -4.52
C ILE B 286 3.63 -4.16 -4.61
N THR B 287 2.65 -4.65 -3.82
CA THR B 287 1.36 -3.99 -3.66
C THR B 287 1.26 -3.22 -2.33
N ARG B 288 2.31 -3.23 -1.52
CA ARG B 288 2.28 -2.72 -0.15
C ARG B 288 3.22 -1.54 0.11
N VAL B 289 3.77 -0.98 -0.98
CA VAL B 289 4.89 -0.05 -0.86
C VAL B 289 4.70 1.16 -1.77
N PRO B 290 3.84 2.11 -1.34
CA PRO B 290 3.58 3.30 -2.14
C PRO B 290 4.72 4.30 -2.08
N LEU B 291 4.71 5.25 -3.04
CA LEU B 291 5.60 6.41 -2.94
C LEU B 291 4.86 7.63 -2.41
N GLY B 292 5.64 8.56 -1.85
CA GLY B 292 5.09 9.79 -1.25
C GLY B 292 4.51 10.76 -2.28
N SER B 293 4.01 11.89 -1.78
CA SER B 293 3.31 12.85 -2.61
C SER B 293 3.94 14.23 -2.42
N VAL B 294 4.30 14.87 -3.53
CA VAL B 294 4.99 16.17 -3.46
C VAL B 294 4.83 16.93 -4.76
N ILE B 295 4.67 18.25 -4.63
CA ILE B 295 4.80 19.17 -5.76
C ILE B 295 6.02 20.02 -5.45
N LYS B 296 7.01 20.02 -6.35
CA LYS B 296 8.19 20.86 -6.19
C LYS B 296 7.97 22.14 -7.00
N CYS B 297 8.13 23.30 -6.36
CA CYS B 297 7.69 24.58 -6.94
C CYS B 297 8.83 25.57 -6.84
N ILE B 298 9.12 26.27 -7.93
CA ILE B 298 10.23 27.23 -7.93
C ILE B 298 9.70 28.56 -8.45
N VAL B 299 9.75 29.57 -7.58
CA VAL B 299 9.28 30.92 -7.89
C VAL B 299 10.51 31.77 -8.13
N TYR B 300 10.52 32.44 -9.28
CA TYR B 300 11.65 33.27 -9.72
C TYR B 300 11.39 34.75 -9.48
N TYR B 301 12.47 35.45 -9.15
CA TYR B 301 12.42 36.87 -8.87
C TYR B 301 13.58 37.61 -9.56
N LYS B 302 13.45 38.93 -9.64
CA LYS B 302 14.48 39.76 -10.25
C LYS B 302 15.81 39.67 -9.49
N GLU B 303 15.75 39.69 -8.16
CA GLU B 303 16.94 39.62 -7.31
C GLU B 303 16.65 38.71 -6.10
N PRO B 304 17.72 38.16 -5.48
CA PRO B 304 17.56 37.41 -4.23
C PRO B 304 17.37 38.38 -3.07
N PHE B 305 16.22 39.06 -3.09
CA PHE B 305 15.98 40.22 -2.21
C PHE B 305 16.02 39.90 -0.73
N TRP B 306 15.77 38.65 -0.39
CA TRP B 306 15.79 38.20 0.99
C TRP B 306 17.17 38.39 1.63
N ARG B 307 18.23 38.25 0.83
CA ARG B 307 19.59 38.40 1.33
C ARG B 307 19.86 39.81 1.93
N LYS B 308 19.18 40.81 1.38
CA LYS B 308 19.32 42.19 1.87
C LYS B 308 18.80 42.33 3.30
N LYS B 309 17.85 41.48 3.68
CA LYS B 309 17.30 41.46 5.04
C LYS B 309 18.02 40.47 5.97
N ASP B 310 19.15 39.96 5.49
CA ASP B 310 19.95 38.97 6.22
C ASP B 310 19.16 37.67 6.42
N TYR B 311 18.43 37.27 5.38
CA TYR B 311 17.76 35.97 5.35
C TYR B 311 18.37 35.19 4.19
N CYS B 312 18.61 33.90 4.39
CA CYS B 312 19.27 33.11 3.33
C CYS B 312 18.28 32.55 2.30
N GLY B 313 17.00 32.50 2.68
CA GLY B 313 15.94 31.98 1.82
C GLY B 313 15.37 30.68 2.35
N THR B 314 16.02 30.09 3.36
CA THR B 314 15.46 28.91 4.04
C THR B 314 14.31 29.35 4.93
N MET B 315 13.15 28.73 4.74
CA MET B 315 11.99 28.97 5.60
C MET B 315 11.43 27.64 6.06
N ILE B 316 11.19 27.53 7.36
CA ILE B 316 10.55 26.33 7.94
C ILE B 316 9.23 26.86 8.45
N ILE B 317 8.12 26.42 7.86
CA ILE B 317 6.85 27.10 8.06
C ILE B 317 5.84 26.11 8.61
N ASP B 318 5.48 26.29 9.89
CA ASP B 318 4.59 25.34 10.53
C ASP B 318 3.14 25.58 10.17
N GLY B 319 2.31 24.57 10.38
CA GLY B 319 0.85 24.78 10.36
C GLY B 319 0.15 24.30 9.11
N GLU B 320 -1.14 24.06 9.25
CA GLU B 320 -1.93 23.52 8.16
C GLU B 320 -2.16 24.51 7.01
N GLU B 321 -2.32 25.78 7.34
CA GLU B 321 -2.71 26.77 6.33
C GLU B 321 -1.65 26.97 5.24
N ALA B 322 -0.37 26.89 5.62
CA ALA B 322 0.71 27.17 4.66
C ALA B 322 0.77 26.08 3.58
N PRO B 323 0.74 26.48 2.29
CA PRO B 323 0.83 25.42 1.27
C PRO B 323 2.19 24.75 1.26
N VAL B 324 3.24 25.51 1.60
CA VAL B 324 4.63 25.05 1.54
C VAL B 324 5.19 25.13 2.95
N ALA B 325 5.75 24.01 3.41
CA ALA B 325 6.29 23.93 4.76
C ALA B 325 7.79 24.20 4.81
N TYR B 326 8.45 24.16 3.65
CA TYR B 326 9.92 24.28 3.63
C TYR B 326 10.39 24.84 2.31
N THR B 327 11.33 25.78 2.41
CA THR B 327 11.96 26.37 1.23
C THR B 327 13.47 26.43 1.37
N LEU B 328 14.13 26.52 0.21
CA LEU B 328 15.55 26.86 0.12
C LEU B 328 15.76 27.86 -1.00
N ASP B 329 16.81 28.65 -0.87
CA ASP B 329 17.24 29.56 -1.93
C ASP B 329 17.68 28.72 -3.14
N ASP B 330 17.10 28.96 -4.31
CA ASP B 330 17.46 28.20 -5.53
C ASP B 330 18.19 29.08 -6.54
N THR B 331 18.65 30.24 -6.09
CA THR B 331 19.44 31.17 -6.93
C THR B 331 20.70 30.48 -7.46
N LYS B 332 21.08 30.81 -8.70
CA LYS B 332 22.26 30.23 -9.34
C LYS B 332 23.53 30.72 -8.64
N PRO B 333 24.62 29.94 -8.75
CA PRO B 333 25.86 30.29 -8.05
C PRO B 333 26.33 31.68 -8.43
N GLU B 334 25.99 32.12 -9.64
CA GLU B 334 26.39 33.43 -10.14
C GLU B 334 25.59 34.59 -9.52
N GLY B 335 24.50 34.26 -8.82
CA GLY B 335 23.67 35.26 -8.15
C GLY B 335 22.49 35.68 -9.00
N ASN B 336 22.39 35.10 -10.19
CA ASN B 336 21.28 35.41 -11.08
C ASN B 336 20.27 34.28 -11.06
N TYR B 337 19.19 34.48 -11.82
CA TYR B 337 18.01 33.62 -11.79
C TYR B 337 17.56 33.42 -10.34
N ALA B 338 17.43 34.53 -9.61
CA ALA B 338 17.03 34.43 -8.21
C ALA B 338 15.73 33.64 -8.10
N ALA B 339 15.67 32.79 -7.09
CA ALA B 339 14.52 31.90 -6.94
C ALA B 339 14.44 31.29 -5.55
N ILE B 340 13.21 30.97 -5.16
CA ILE B 340 12.93 30.19 -3.96
C ILE B 340 12.33 28.87 -4.36
N MET B 341 12.93 27.79 -3.88
CA MET B 341 12.36 26.45 -4.07
C MET B 341 11.51 26.11 -2.85
N GLY B 342 10.28 25.65 -3.07
CA GLY B 342 9.47 25.15 -1.97
C GLY B 342 8.79 23.84 -2.28
N PHE B 343 8.50 23.05 -1.25
CA PHE B 343 7.78 21.76 -1.43
C PHE B 343 6.38 21.89 -0.91
N ILE B 344 5.41 21.39 -1.67
CA ILE B 344 4.02 21.20 -1.18
C ILE B 344 3.93 19.70 -0.86
N LEU B 345 3.76 19.39 0.43
CA LEU B 345 4.05 18.05 0.95
C LEU B 345 2.81 17.23 1.28
N ALA B 346 2.86 15.94 0.92
CA ALA B 346 1.92 14.94 1.42
C ALA B 346 0.45 15.33 1.14
N HIS B 347 -0.44 15.42 2.14
CA HIS B 347 -1.85 15.73 1.84
C HIS B 347 -2.05 17.06 1.12
N LYS B 348 -1.12 18.01 1.34
CA LYS B 348 -1.25 19.30 0.68
C LYS B 348 -1.01 19.18 -0.83
N ALA B 349 -0.18 18.22 -1.25
CA ALA B 349 0.03 17.96 -2.67
C ALA B 349 -1.28 17.47 -3.28
N ARG B 350 -1.97 16.58 -2.55
CA ARG B 350 -3.27 16.08 -3.01
C ARG B 350 -4.31 17.19 -3.06
N LYS B 351 -4.36 17.98 -2.01
CA LYS B 351 -5.38 19.02 -1.85
C LYS B 351 -5.20 20.13 -2.88
N LEU B 352 -3.97 20.59 -3.07
CA LEU B 352 -3.71 21.77 -3.88
C LEU B 352 -3.53 21.49 -5.37
N ALA B 353 -3.50 20.20 -5.72
CA ALA B 353 -3.38 19.76 -7.11
C ALA B 353 -4.59 20.20 -7.94
N ARG B 354 -5.73 20.36 -7.26
CA ARG B 354 -7.00 20.80 -7.84
C ARG B 354 -6.93 22.20 -8.46
N LEU B 355 -6.04 23.03 -7.93
CA LEU B 355 -5.87 24.42 -8.38
C LEU B 355 -5.12 24.52 -9.71
N THR B 356 -5.15 25.70 -10.31
CA THR B 356 -4.35 25.95 -11.50
C THR B 356 -2.93 26.31 -11.08
N LYS B 357 -2.00 26.21 -12.02
CA LYS B 357 -0.62 26.64 -11.81
C LYS B 357 -0.58 28.09 -11.31
N GLU B 358 -1.36 28.96 -11.92
CA GLU B 358 -1.42 30.37 -11.51
C GLU B 358 -1.96 30.55 -10.08
N GLU B 359 -2.94 29.74 -9.70
CA GLU B 359 -3.49 29.78 -8.35
C GLU B 359 -2.46 29.34 -7.31
N ARG B 360 -1.68 28.30 -7.63
CA ARG B 360 -0.61 27.90 -6.72
C ARG B 360 0.46 29.00 -6.63
N LEU B 361 0.83 29.58 -7.76
CA LEU B 361 1.81 30.68 -7.74
C LEU B 361 1.38 31.81 -6.79
N LYS B 362 0.11 32.23 -6.89
CA LYS B 362 -0.41 33.29 -6.03
C LYS B 362 -0.29 32.92 -4.55
N LYS B 363 -0.71 31.70 -4.19
CA LYS B 363 -0.66 31.22 -2.80
C LYS B 363 0.77 31.19 -2.29
N LEU B 364 1.69 30.72 -3.10
CA LEU B 364 3.12 30.69 -2.68
C LEU B 364 3.70 32.09 -2.50
N CYS B 365 3.44 32.98 -3.46
CA CYS B 365 3.97 34.35 -3.35
C CYS B 365 3.43 35.07 -2.12
N GLU B 366 2.13 34.91 -1.85
CA GLU B 366 1.54 35.54 -0.66
C GLU B 366 2.11 34.96 0.63
N LEU B 367 2.34 33.65 0.67
CA LEU B 367 2.99 33.01 1.82
C LEU B 367 4.40 33.58 2.02
N TYR B 368 5.19 33.60 0.95
CA TYR B 368 6.56 34.07 1.06
C TYR B 368 6.64 35.54 1.46
N ALA B 369 5.70 36.34 0.97
CA ALA B 369 5.65 37.76 1.38
C ALA B 369 5.46 37.89 2.90
N LYS B 370 4.58 37.06 3.45
CA LYS B 370 4.31 37.03 4.89
C LYS B 370 5.58 36.60 5.64
N VAL B 371 6.17 35.49 5.21
CA VAL B 371 7.26 34.88 5.95
C VAL B 371 8.56 35.71 5.84
N LEU B 372 8.87 36.15 4.64
CA LEU B 372 10.05 37.00 4.41
C LEU B 372 9.81 38.46 4.81
N GLY B 373 8.56 38.81 5.09
CA GLY B 373 8.21 40.18 5.44
C GLY B 373 8.60 41.14 4.33
N SER B 374 8.24 40.79 3.10
CA SER B 374 8.68 41.54 1.93
C SER B 374 7.63 41.56 0.82
N LEU B 375 7.26 42.76 0.37
CA LEU B 375 6.33 42.90 -0.75
C LEU B 375 6.96 42.46 -2.06
N GLU B 376 8.29 42.35 -2.08
CA GLU B 376 8.99 41.90 -3.28
C GLU B 376 8.60 40.48 -3.68
N ALA B 377 8.20 39.68 -2.69
CA ALA B 377 7.75 38.30 -2.94
C ALA B 377 6.49 38.23 -3.79
N LEU B 378 5.77 39.36 -3.91
CA LEU B 378 4.52 39.40 -4.64
C LEU B 378 4.72 39.69 -6.12
N GLU B 379 5.97 39.85 -6.53
CA GLU B 379 6.31 40.22 -7.89
C GLU B 379 7.19 39.18 -8.59
N PRO B 380 6.67 37.94 -8.73
CA PRO B 380 7.48 36.91 -9.38
C PRO B 380 7.69 37.23 -10.86
N VAL B 381 8.82 36.78 -11.40
CA VAL B 381 9.10 36.97 -12.83
C VAL B 381 8.89 35.71 -13.65
N HIS B 382 8.83 34.56 -12.96
CA HIS B 382 8.63 33.29 -13.63
C HIS B 382 8.27 32.24 -12.58
N TYR B 383 7.72 31.11 -13.04
CA TYR B 383 7.34 30.01 -12.15
C TYR B 383 7.49 28.67 -12.86
N GLU B 384 8.02 27.66 -12.17
CA GLU B 384 8.04 26.27 -12.64
C GLU B 384 7.61 25.37 -11.49
N GLU B 385 6.94 24.28 -11.82
CA GLU B 385 6.54 23.31 -10.80
C GLU B 385 6.39 21.94 -11.42
N LYS B 386 6.42 20.92 -10.57
CA LYS B 386 6.18 19.56 -11.02
C LYS B 386 5.49 18.78 -9.92
N ASN B 387 4.32 18.25 -10.24
CA ASN B 387 3.58 17.41 -9.31
C ASN B 387 3.92 15.95 -9.62
N TRP B 388 4.74 15.36 -8.77
CA TRP B 388 5.22 14.00 -9.02
C TRP B 388 4.14 12.92 -8.81
N CYS B 389 3.01 13.30 -8.21
CA CYS B 389 1.94 12.33 -8.00
C CYS B 389 1.33 11.87 -9.31
N GLU B 390 1.52 12.64 -10.38
CA GLU B 390 0.84 12.35 -11.64
C GLU B 390 1.63 11.37 -12.53
N GLU B 391 2.83 10.99 -12.10
CA GLU B 391 3.77 10.22 -12.93
C GLU B 391 3.54 8.71 -12.94
N GLN B 392 3.07 8.19 -14.07
CA GLN B 392 2.80 6.75 -14.19
C GLN B 392 4.06 5.92 -13.93
N TYR B 393 5.22 6.45 -14.38
CA TYR B 393 6.46 5.69 -14.26
C TYR B 393 7.38 6.08 -13.10
N SER B 394 6.85 6.87 -12.15
CA SER B 394 7.50 7.05 -10.84
C SER B 394 6.58 6.58 -9.71
N GLY B 395 5.32 6.98 -9.76
CA GLY B 395 4.37 6.67 -8.69
C GLY B 395 4.30 7.71 -7.59
N GLY B 396 5.26 8.63 -7.57
CA GLY B 396 5.33 9.70 -6.58
C GLY B 396 6.79 10.10 -6.36
N CYS B 397 7.04 10.87 -5.30
CA CYS B 397 8.41 11.28 -4.91
C CYS B 397 8.38 11.63 -3.43
N TYR B 398 9.53 11.65 -2.73
CA TYR B 398 10.86 11.33 -3.29
C TYR B 398 11.05 9.84 -3.47
N THR B 399 10.40 9.06 -2.61
CA THR B 399 10.70 7.65 -2.52
C THR B 399 9.54 6.84 -1.97
N THR B 400 9.79 5.54 -1.84
CA THR B 400 8.82 4.57 -1.31
C THR B 400 8.78 4.63 0.20
N TYR B 401 7.57 4.68 0.77
CA TYR B 401 7.42 4.58 2.21
C TYR B 401 6.76 3.27 2.60
N PHE B 402 6.99 2.85 3.84
CA PHE B 402 6.42 1.59 4.32
C PHE B 402 5.37 1.88 5.37
N PRO B 403 4.10 1.52 5.09
CA PRO B 403 3.05 1.65 6.12
C PRO B 403 3.30 0.67 7.28
N PRO B 404 2.57 0.84 8.40
CA PRO B 404 2.82 -0.02 9.55
C PRO B 404 2.67 -1.51 9.20
N GLY B 405 3.61 -2.31 9.68
CA GLY B 405 3.55 -3.76 9.59
C GLY B 405 4.26 -4.36 8.37
N ILE B 406 4.62 -3.51 7.40
CA ILE B 406 5.13 -4.00 6.13
C ILE B 406 6.61 -4.35 6.12
N LEU B 407 7.45 -3.47 6.71
CA LEU B 407 8.90 -3.65 6.67
C LEU B 407 9.34 -4.95 7.34
N THR B 408 8.73 -5.29 8.47
CA THR B 408 9.08 -6.51 9.18
C THR B 408 8.65 -7.74 8.38
N GLN B 409 7.46 -7.67 7.78
CA GLN B 409 6.87 -8.81 7.09
C GLN B 409 7.44 -9.06 5.71
N TYR B 410 7.79 -7.97 5.00
CA TYR B 410 8.20 -8.05 3.60
C TYR B 410 9.57 -7.45 3.26
N GLY B 411 10.17 -6.75 4.22
CA GLY B 411 11.40 -5.99 3.95
C GLY B 411 12.55 -6.85 3.42
N ARG B 412 12.65 -8.07 3.92
CA ARG B 412 13.79 -8.89 3.54
C ARG B 412 13.76 -9.27 2.07
N VAL B 413 12.61 -9.20 1.41
CA VAL B 413 12.61 -9.58 0.00
C VAL B 413 12.90 -8.43 -0.96
N LEU B 414 13.03 -7.21 -0.44
CA LEU B 414 13.25 -6.05 -1.33
C LEU B 414 14.40 -6.25 -2.33
N ARG B 415 15.54 -6.72 -1.87
CA ARG B 415 16.64 -6.89 -2.82
C ARG B 415 17.06 -8.36 -3.02
N GLN B 416 16.17 -9.27 -2.64
CA GLN B 416 16.40 -10.70 -2.85
C GLN B 416 16.22 -11.03 -4.33
N PRO B 417 17.26 -11.60 -4.98
CA PRO B 417 17.10 -11.94 -6.39
C PRO B 417 15.96 -12.92 -6.64
N VAL B 418 15.32 -12.80 -7.81
CA VAL B 418 14.30 -13.74 -8.26
C VAL B 418 14.88 -14.42 -9.49
N ASP B 419 15.49 -15.58 -9.25
CA ASP B 419 16.18 -16.36 -10.29
C ASP B 419 17.30 -15.50 -10.89
N ARG B 420 17.08 -14.95 -12.09
CA ARG B 420 18.12 -14.16 -12.76
C ARG B 420 17.80 -12.65 -12.78
N ILE B 421 16.80 -12.24 -12.01
CA ILE B 421 16.48 -10.81 -11.84
C ILE B 421 17.09 -10.32 -10.54
N TYR B 422 17.91 -9.26 -10.62
CA TYR B 422 18.52 -8.63 -9.46
C TYR B 422 17.88 -7.25 -9.32
N PHE B 423 17.90 -6.71 -8.11
CA PHE B 423 17.14 -5.49 -7.79
C PHE B 423 18.00 -4.33 -7.40
N ALA B 424 17.96 -3.27 -8.21
CA ALA B 424 18.64 -2.02 -7.93
C ALA B 424 17.55 -1.02 -7.49
N GLY B 425 17.76 0.27 -7.76
CA GLY B 425 16.80 1.29 -7.31
C GLY B 425 17.14 1.79 -5.93
N THR B 426 16.96 3.10 -5.71
CA THR B 426 17.40 3.70 -4.47
C THR B 426 16.78 3.05 -3.22
N GLU B 427 15.55 2.53 -3.38
CA GLU B 427 14.85 1.85 -2.28
C GLU B 427 15.59 0.66 -1.70
N THR B 428 16.51 0.07 -2.49
CA THR B 428 17.28 -1.08 -2.03
C THR B 428 18.65 -0.73 -1.43
N ALA B 429 18.99 0.56 -1.41
CA ALA B 429 20.25 1.00 -0.79
C ALA B 429 20.25 0.85 0.74
N THR B 430 21.45 0.87 1.32
CA THR B 430 21.61 0.81 2.77
C THR B 430 22.18 2.09 3.38
N HIS B 431 22.53 3.05 2.53
CA HIS B 431 23.04 4.35 2.95
C HIS B 431 22.47 5.38 1.98
N TRP B 432 21.75 6.35 2.52
CA TRP B 432 20.99 7.33 1.73
C TRP B 432 20.02 6.69 0.73
N SER B 433 19.40 5.55 1.11
CA SER B 433 18.24 5.07 0.37
C SER B 433 17.24 6.21 0.30
N GLY B 434 16.63 6.38 -0.87
CA GLY B 434 15.66 7.45 -1.10
C GLY B 434 16.27 8.60 -1.89
N TYR B 435 17.60 8.61 -1.99
CA TYR B 435 18.35 9.71 -2.58
C TYR B 435 19.10 9.24 -3.84
N MET B 436 19.63 10.20 -4.59
CA MET B 436 20.51 9.87 -5.72
C MET B 436 21.70 9.03 -5.26
N GLU B 437 22.24 9.34 -4.08
CA GLU B 437 23.35 8.55 -3.50
C GLU B 437 22.95 7.06 -3.40
N GLY B 438 21.78 6.81 -2.82
CA GLY B 438 21.26 5.42 -2.72
C GLY B 438 21.05 4.77 -4.09
N ALA B 439 20.61 5.55 -5.07
CA ALA B 439 20.44 5.06 -6.45
C ALA B 439 21.77 4.48 -6.96
N VAL B 440 22.86 5.23 -6.76
CA VAL B 440 24.20 4.78 -7.22
C VAL B 440 24.65 3.53 -6.46
N GLU B 441 24.55 3.56 -5.13
CA GLU B 441 24.91 2.41 -4.32
C GLU B 441 24.20 1.14 -4.80
N ALA B 442 22.89 1.23 -4.97
CA ALA B 442 22.08 0.04 -5.33
C ALA B 442 22.34 -0.46 -6.75
N GLY B 443 22.57 0.48 -7.67
CA GLY B 443 22.78 0.11 -9.07
C GLY B 443 24.11 -0.63 -9.17
N GLU B 444 25.12 -0.09 -8.51
CA GLU B 444 26.46 -0.67 -8.57
C GLU B 444 26.49 -2.01 -7.85
N ARG B 445 25.82 -2.08 -6.69
CA ARG B 445 25.72 -3.36 -5.96
C ARG B 445 24.99 -4.45 -6.78
N ALA B 446 23.84 -4.12 -7.39
CA ALA B 446 23.10 -5.07 -8.23
C ALA B 446 23.99 -5.53 -9.40
N ALA B 447 24.68 -4.58 -10.03
CA ALA B 447 25.61 -4.92 -11.12
C ALA B 447 26.66 -5.93 -10.65
N ARG B 448 27.25 -5.68 -9.49
CA ARG B 448 28.29 -6.57 -8.94
C ARG B 448 27.75 -7.93 -8.51
N GLU B 449 26.48 -8.00 -8.09
CA GLU B 449 25.82 -9.29 -7.84
C GLU B 449 25.84 -10.15 -9.09
N ILE B 450 25.56 -9.51 -10.23
CA ILE B 450 25.60 -10.19 -11.51
C ILE B 450 27.02 -10.58 -11.91
N LEU B 451 27.98 -9.67 -11.71
CA LEU B 451 29.40 -10.00 -11.97
C LEU B 451 29.83 -11.22 -11.14
N HIS B 452 29.41 -11.26 -9.87
CA HIS B 452 29.69 -12.41 -9.03
C HIS B 452 28.99 -13.69 -9.51
N ALA B 453 27.71 -13.58 -9.88
CA ALA B 453 26.95 -14.71 -10.46
C ALA B 453 27.66 -15.28 -11.70
N MET B 454 28.34 -14.41 -12.45
CA MET B 454 29.07 -14.83 -13.64
C MET B 454 30.46 -15.36 -13.32
N GLY B 455 30.82 -15.34 -12.05
CA GLY B 455 32.14 -15.78 -11.57
C GLY B 455 33.28 -14.82 -11.90
N LYS B 456 32.95 -13.56 -12.17
CA LYS B 456 33.94 -12.55 -12.56
C LYS B 456 34.61 -11.84 -11.38
N ILE B 457 33.93 -11.78 -10.24
CA ILE B 457 34.48 -11.19 -9.02
C ILE B 457 34.12 -12.08 -7.82
N PRO B 458 34.90 -12.03 -6.73
CA PRO B 458 34.56 -12.77 -5.52
C PRO B 458 33.39 -12.16 -4.76
N GLU B 459 32.78 -12.95 -3.88
CA GLU B 459 31.63 -12.51 -3.09
C GLU B 459 31.89 -11.24 -2.26
N ASP B 460 33.09 -11.12 -1.71
CA ASP B 460 33.45 -9.98 -0.87
C ASP B 460 33.58 -8.66 -1.62
N GLU B 461 33.44 -8.71 -2.94
CA GLU B 461 33.49 -7.50 -3.78
C GLU B 461 32.11 -7.01 -4.22
N ILE B 462 31.05 -7.71 -3.81
CA ILE B 462 29.69 -7.30 -4.16
C ILE B 462 29.37 -5.93 -3.53
N TRP B 463 29.66 -5.80 -2.24
CA TRP B 463 29.46 -4.53 -1.54
C TRP B 463 30.81 -3.86 -1.37
N GLN B 464 30.93 -2.66 -1.90
CA GLN B 464 32.20 -1.93 -1.85
C GLN B 464 32.11 -0.57 -1.17
N SER B 465 33.09 -0.29 -0.32
CA SER B 465 33.20 1.02 0.33
C SER B 465 33.53 2.09 -0.71
N GLU B 466 33.30 3.35 -0.32
CA GLU B 466 33.55 4.49 -1.20
C GLU B 466 34.47 5.50 -0.49
N PRO B 467 35.60 5.85 -1.13
CA PRO B 467 36.47 6.86 -0.53
C PRO B 467 35.73 8.18 -0.39
N GLU B 468 36.05 8.94 0.66
CA GLU B 468 35.42 10.23 0.87
C GLU B 468 35.81 11.22 -0.23
N SER B 469 34.81 11.96 -0.71
CA SER B 469 35.02 13.06 -1.65
C SER B 469 36.05 14.06 -1.09
N VAL B 470 36.99 14.46 -1.94
CA VAL B 470 37.95 15.51 -1.54
C VAL B 470 37.32 16.90 -1.67
N ASP B 471 36.29 17.02 -2.50
CA ASP B 471 35.64 18.29 -2.81
C ASP B 471 34.55 18.63 -1.81
N VAL B 472 33.92 17.58 -1.26
CA VAL B 472 32.81 17.73 -0.32
C VAL B 472 33.09 16.86 0.91
N PRO B 473 34.11 17.24 1.70
CA PRO B 473 34.45 16.46 2.88
C PRO B 473 33.38 16.60 3.96
N ALA B 474 33.18 15.54 4.72
CA ALA B 474 32.22 15.55 5.82
C ALA B 474 32.89 15.98 7.12
N GLN B 475 32.24 16.89 7.84
CA GLN B 475 32.63 17.24 9.19
C GLN B 475 31.80 16.40 10.16
N PRO B 476 32.36 16.07 11.34
CA PRO B 476 31.63 15.22 12.28
C PRO B 476 30.36 15.89 12.81
N ILE B 477 29.36 15.08 13.13
CA ILE B 477 28.16 15.56 13.81
C ILE B 477 28.48 15.56 15.30
N THR B 478 28.25 16.69 15.96
CA THR B 478 28.56 16.79 17.39
C THR B 478 27.32 17.14 18.21
N THR B 479 27.41 16.86 19.51
CA THR B 479 26.38 17.25 20.47
C THR B 479 27.05 17.86 21.69
N THR B 480 26.32 18.67 22.45
CA THR B 480 26.84 19.26 23.68
C THR B 480 26.49 18.38 24.88
N PHE B 481 27.20 18.58 25.98
CA PHE B 481 26.94 17.85 27.23
C PHE B 481 25.47 17.97 27.64
N LEU B 482 24.94 19.19 27.59
CA LEU B 482 23.54 19.45 27.96
C LEU B 482 22.54 18.76 27.03
N GLU B 483 22.81 18.77 25.72
CA GLU B 483 21.96 18.07 24.76
C GLU B 483 21.87 16.58 25.09
N ARG B 484 23.01 16.00 25.47
CA ARG B 484 23.11 14.58 25.80
C ARG B 484 22.38 14.24 27.11
N HIS B 485 22.43 15.14 28.10
CA HIS B 485 22.03 14.78 29.46
C HIS B 485 20.81 15.49 30.08
N LEU B 486 20.33 16.55 29.43
CA LEU B 486 19.11 17.19 29.92
C LEU B 486 17.95 16.19 29.91
N PRO B 487 17.11 16.21 30.97
CA PRO B 487 16.01 15.25 31.02
C PRO B 487 14.91 15.57 30.00
N SER B 488 14.10 14.58 29.67
CA SER B 488 12.85 14.80 28.93
C SER B 488 11.84 15.46 29.86
N VAL B 489 10.67 15.81 29.34
CA VAL B 489 9.59 16.36 30.18
C VAL B 489 9.17 15.37 31.29
N PRO B 490 8.79 14.12 30.93
CA PRO B 490 8.46 13.13 31.99
C PRO B 490 9.64 12.84 32.94
N GLY B 491 10.87 12.88 32.41
CA GLY B 491 12.08 12.76 33.21
C GLY B 491 12.22 13.86 34.25
N LEU B 492 11.90 15.09 33.86
CA LEU B 492 11.89 16.22 34.80
C LEU B 492 10.78 16.07 35.83
N LEU B 493 9.65 15.50 35.41
CA LEU B 493 8.52 15.25 36.31
C LEU B 493 8.82 14.14 37.32
N ARG B 494 9.56 13.11 36.89
CA ARG B 494 9.98 12.02 37.78
C ARG B 494 10.96 12.52 38.83
N LEU B 495 11.86 13.42 38.41
CA LEU B 495 12.79 14.08 39.32
C LEU B 495 12.04 14.94 40.35
N ILE B 496 10.86 15.42 39.96
CA ILE B 496 9.95 16.14 40.87
C ILE B 496 8.95 15.15 41.48
PA FAD C . -12.03 -11.38 -8.96
O1A FAD C . -10.69 -11.15 -8.35
O2A FAD C . -12.73 -12.67 -8.54
O5B FAD C . -11.99 -11.30 -10.55
C5B FAD C . -10.99 -10.56 -11.22
C4B FAD C . -10.62 -11.35 -12.47
O4B FAD C . -9.79 -10.52 -13.25
C3B FAD C . -9.84 -12.61 -12.16
O3B FAD C . -10.48 -13.69 -12.83
C2B FAD C . -8.43 -12.33 -12.70
O2B FAD C . -7.79 -13.47 -13.23
C1B FAD C . -8.73 -11.29 -13.76
N9A FAD C . -7.63 -10.36 -14.03
C8A FAD C . -6.76 -9.76 -13.15
N7A FAD C . -5.91 -8.97 -13.84
C5A FAD C . -6.26 -9.02 -15.15
C6A FAD C . -5.74 -8.43 -16.31
N6A FAD C . -4.72 -7.58 -16.29
N1A FAD C . -6.35 -8.72 -17.51
C2A FAD C . -7.41 -9.60 -17.61
N3A FAD C . -7.90 -10.20 -16.48
C4A FAD C . -7.33 -9.91 -15.27
N1 FAD C . -16.66 -14.06 -0.71
C2 FAD C . -17.90 -14.54 -0.32
O2 FAD C . -18.91 -13.99 -0.78
N3 FAD C . -17.99 -15.61 0.53
C4 FAD C . -16.85 -16.21 1.04
O4 FAD C . -16.97 -17.18 1.77
C4X FAD C . -15.59 -15.73 0.68
N5 FAD C . -14.42 -16.29 1.20
C5X FAD C . -13.21 -16.03 0.57
C6 FAD C . -12.16 -16.89 0.83
C7 FAD C . -11.02 -16.84 0.03
C7M FAD C . -9.89 -17.76 0.37
C8 FAD C . -10.95 -15.93 -1.04
C8M FAD C . -9.76 -15.85 -1.96
C9 FAD C . -12.04 -15.08 -1.31
C9A FAD C . -13.19 -15.13 -0.51
N10 FAD C . -14.25 -14.23 -0.63
C10 FAD C . -15.50 -14.66 -0.21
C1' FAD C . -14.18 -13.08 -1.57
C2' FAD C . -14.71 -13.35 -2.99
O2' FAD C . -14.07 -14.50 -3.55
C3' FAD C . -14.46 -12.09 -3.83
O3' FAD C . -15.07 -10.98 -3.21
C4' FAD C . -15.05 -12.17 -5.24
O4' FAD C . -14.84 -13.43 -5.83
C5' FAD C . -14.42 -11.04 -6.06
O5' FAD C . -15.00 -11.07 -7.37
P FAD C . -14.49 -9.96 -8.41
O1P FAD C . -15.08 -10.29 -9.73
O2P FAD C . -14.73 -8.55 -7.88
O3P FAD C . -12.90 -10.12 -8.47
O2C C18 D . -15.72 -17.65 6.42
C2 C18 D . -15.78 -16.56 7.04
O1 C18 D . -16.03 -16.55 8.41
C9 C18 D . -16.09 -15.34 9.10
C10 C18 D . -15.92 -14.12 8.43
C4 C18 D . -15.68 -14.15 7.05
N4C C18 D . -15.38 -11.70 6.94
C4C C18 D . -15.48 -12.92 6.19
C4N C18 D . -16.53 -10.85 7.14
C3 C18 D . -15.60 -15.36 6.37
C8 C18 D . -16.35 -15.37 10.48
C7 C18 D . -16.42 -14.20 11.21
C6 C18 D . -16.24 -12.97 10.56
C5 C18 D . -16.01 -12.95 9.18
O7C C18 D . -16.65 -14.23 12.58
C7B C18 D . -16.66 -15.40 13.31
C1B C18 D . -16.54 -15.02 14.76
C6B C18 D . -17.48 -15.46 15.71
C5B C18 D . -17.35 -15.06 17.03
C4B C18 D . -16.28 -14.25 17.43
C3B C18 D . -15.34 -13.81 16.49
CL3 C18 D . -14.32 -13.02 16.86
C2B C18 D . -15.49 -14.19 15.16
PA FAD E . 14.03 6.36 -10.77
O1A FAD E . 12.57 6.34 -10.46
O2A FAD E . 14.67 7.71 -10.90
O5B FAD E . 14.29 5.53 -12.12
C5B FAD E . 13.39 4.52 -12.52
C4B FAD E . 13.26 4.58 -14.04
O4B FAD E . 12.53 3.44 -14.46
C3B FAD E . 12.50 5.80 -14.54
O3B FAD E . 13.29 6.50 -15.52
C2B FAD E . 11.20 5.23 -15.11
O2B FAD E . 10.68 5.96 -16.19
C1B FAD E . 11.64 3.82 -15.49
N9A FAD E . 10.57 2.82 -15.51
C8A FAD E . 9.51 2.67 -14.62
N7A FAD E . 8.81 1.59 -15.00
C5A FAD E . 9.38 1.05 -16.12
C6A FAD E . 9.06 -0.04 -16.95
N6A FAD E . 7.98 -0.82 -16.74
N1A FAD E . 9.89 -0.31 -18.03
C2A FAD E . 11.00 0.47 -18.30
N3A FAD E . 11.29 1.56 -17.52
C4A FAD E . 10.50 1.82 -16.44
N1 FAD E . 17.23 12.81 -4.06
C2 FAD E . 18.40 13.45 -3.72
O2 FAD E . 19.44 12.82 -3.67
N3 FAD E . 18.38 14.80 -3.47
C4 FAD E . 17.22 15.54 -3.54
O4 FAD E . 17.27 16.76 -3.34
C4X FAD E . 16.03 14.90 -3.84
N5 FAD E . 14.82 15.59 -3.90
C5X FAD E . 13.72 14.99 -4.50
C6 FAD E . 12.64 15.80 -4.85
C7 FAD E . 11.67 15.34 -5.74
C7M FAD E . 10.52 16.28 -6.05
C8 FAD E . 11.79 14.06 -6.29
C8M FAD E . 10.77 13.50 -7.27
C9 FAD E . 12.88 13.25 -5.94
C9A FAD E . 13.85 13.70 -5.03
N10 FAD E . 14.88 12.91 -4.53
C10 FAD E . 16.05 13.54 -4.12
C1' FAD E . 14.93 11.44 -4.85
C2' FAD E . 15.80 11.07 -6.07
O2' FAD E . 15.30 11.78 -7.18
C3' FAD E . 15.66 9.55 -6.24
O3' FAD E . 16.06 8.86 -5.08
C4' FAD E . 16.45 8.96 -7.40
O4' FAD E . 16.30 9.73 -8.55
C5' FAD E . 15.92 7.55 -7.66
O5' FAD E . 16.69 6.97 -8.71
P FAD E . 16.32 5.48 -9.19
O1P FAD E . 17.18 5.21 -10.38
O2P FAD E . 16.45 4.50 -8.05
O3P FAD E . 14.76 5.53 -9.62
O2C C18 F . 15.30 19.35 0.12
C2 C18 F . 15.20 18.67 1.16
O1 C18 F . 15.22 19.31 2.40
C9 C18 F . 15.12 18.58 3.58
C10 C18 F . 15.02 17.20 3.53
C4 C18 F . 15.00 16.55 2.27
N4C C18 F . 14.64 14.31 3.26
C4C C18 F . 14.90 15.06 2.06
C4N C18 F . 15.07 13.76 4.19
C3 C18 F . 15.10 17.29 1.11
C8 C18 F . 15.15 19.26 4.80
C7 C18 F . 15.04 18.56 6.01
C6 C18 F . 14.93 17.18 5.96
C5 C18 F . 14.92 16.50 4.74
O7C C18 F . 15.04 19.21 7.23
C7B C18 F . 14.90 20.57 7.38
C1B C18 F . 14.49 20.89 8.79
C6B C18 F . 15.29 21.73 9.58
C5B C18 F . 14.90 21.99 10.90
C4B C18 F . 13.73 21.44 11.42
C3B C18 F . 12.92 20.60 10.65
CL3 C18 F . 11.78 20.06 11.17
C2B C18 F . 13.32 20.34 9.33
#